data_2OZ8
#
_entry.id   2OZ8
#
_cell.length_a   160.176
_cell.length_b   160.176
_cell.length_c   82.560
_cell.angle_alpha   90.000
_cell.angle_beta   90.000
_cell.angle_gamma   90.000
#
_symmetry.space_group_name_H-M   'P 4 21 2'
#
loop_
_entity.id
_entity.type
_entity.pdbx_description
1 polymer 'Mll7089 protein'
2 non-polymer 'SULFATE ION'
3 water water
#
_entity_poly.entity_id   1
_entity_poly.type   'polypeptide(L)'
_entity_poly.pdbx_seq_one_letter_code
;MSLSLSHFRITRFQFARDRVIGDSQVRADDVNVAALELVSESGEVGLGFIQTLFNPLPDQQEIESVFEHEVWPSLKGNRA
IALVHRVNRPRGGNQRAYSLPFHEAVQVALWDLAAKEAGLPLHVLLGSRRNRVKAYASGLDFHLDDDAFVSLFSHAASIG
YSAFKIKVGHRDFDRDLRRLELLKTCVPAGSKVMIDPNEAWTSKEALTKLVAIREAGHDLLWVEDPILRHDHDGLRTLRH
AVTWTQINSGEYLDLQGKRLLLEAHAADILNVHGQVTDVMRIGWLAAELGIPISIGNTFLEAGVHMAVALPEVEWLEYSF
QNFDHLVEQPIEIRDGYAYAPDRPGHGLVLSEKARGEWSRPRRLARSELGAAPENPRLPAKEGHHHHHH
;
_entity_poly.pdbx_strand_id   A,B
#
# COMPACT_ATOMS: atom_id res chain seq x y z
N LEU A 3 -22.62 10.52 -2.33
CA LEU A 3 -21.60 10.47 -1.24
C LEU A 3 -20.28 11.20 -1.54
N SER A 4 -20.24 12.02 -2.58
CA SER A 4 -19.01 12.70 -3.03
C SER A 4 -18.73 14.04 -2.31
N LEU A 5 -17.48 14.49 -2.36
CA LEU A 5 -17.05 15.70 -1.67
C LEU A 5 -17.67 16.98 -2.28
N SER A 6 -18.27 17.82 -1.43
CA SER A 6 -18.89 19.04 -1.96
C SER A 6 -18.26 20.36 -1.50
N HIS A 7 -17.95 20.48 -0.21
N HIS A 7 -17.91 20.48 -0.23
CA HIS A 7 -17.38 21.71 0.35
CA HIS A 7 -17.25 21.68 0.21
C HIS A 7 -16.18 21.38 1.27
C HIS A 7 -16.27 21.44 1.37
N PHE A 8 -15.37 22.41 1.56
CA PHE A 8 -14.36 22.35 2.59
C PHE A 8 -14.47 23.55 3.55
N ARG A 9 -13.95 23.41 4.77
CA ARG A 9 -14.06 24.48 5.76
C ARG A 9 -12.73 24.60 6.51
N ILE A 10 -12.20 25.81 6.65
CA ILE A 10 -10.95 26.02 7.39
C ILE A 10 -11.16 26.87 8.65
N THR A 11 -10.81 26.32 9.81
CA THR A 11 -10.88 27.13 11.02
C THR A 11 -9.50 27.32 11.60
N ARG A 12 -9.06 28.58 11.66
CA ARG A 12 -7.74 28.92 12.13
C ARG A 12 -7.67 29.12 13.65
N PHE A 13 -6.66 28.52 14.29
CA PHE A 13 -6.33 28.70 15.71
C PHE A 13 -4.88 29.21 15.90
N GLN A 14 -4.66 30.02 16.93
CA GLN A 14 -3.31 30.52 17.21
C GLN A 14 -3.37 30.86 18.71
N PHE A 15 -2.75 30.03 19.54
CA PHE A 15 -2.84 30.17 20.99
C PHE A 15 -1.54 29.85 21.73
N ALA A 16 -1.41 30.40 22.95
CA ALA A 16 -0.28 30.13 23.85
C ALA A 16 -0.34 28.71 24.38
N ARG A 17 0.84 28.14 24.59
CA ARG A 17 0.99 26.84 25.25
C ARG A 17 1.03 27.02 26.75
N ASP A 18 0.78 25.94 27.48
CA ASP A 18 0.92 25.91 28.93
C ASP A 18 2.37 25.79 29.46
N ARG A 19 3.31 25.41 28.60
CA ARG A 19 4.73 25.28 28.95
C ARG A 19 5.51 25.52 27.67
N VAL A 20 6.80 25.82 27.79
CA VAL A 20 7.68 25.82 26.62
C VAL A 20 7.96 24.37 26.19
N ILE A 21 7.84 24.12 24.88
CA ILE A 21 8.25 22.84 24.29
C ILE A 21 9.48 23.01 23.43
N GLY A 22 10.23 21.95 23.24
CA GLY A 22 11.27 21.98 22.23
C GLY A 22 12.32 20.92 22.41
N ASP A 23 13.42 21.14 21.70
CA ASP A 23 14.49 20.16 21.61
C ASP A 23 15.78 20.91 21.33
N SER A 24 16.83 20.19 21.00
CA SER A 24 18.15 20.78 20.96
C SER A 24 18.25 21.83 19.88
N GLN A 25 17.28 21.87 18.99
CA GLN A 25 17.28 22.72 17.79
CA GLN A 25 17.37 22.79 17.88
C GLN A 25 16.24 23.86 17.86
N VAL A 26 15.16 23.63 18.60
CA VAL A 26 13.94 24.41 18.45
C VAL A 26 13.23 24.68 19.78
N ARG A 27 12.55 25.83 19.85
CA ARG A 27 11.78 26.27 21.05
C ARG A 27 10.42 26.80 20.54
N ALA A 28 9.35 26.50 21.26
CA ALA A 28 8.01 27.02 20.93
C ALA A 28 7.15 27.15 22.16
N ASP A 29 6.55 28.33 22.35
CA ASP A 29 5.53 28.54 23.39
C ASP A 29 4.09 28.83 22.87
N ASP A 30 3.87 28.66 21.56
CA ASP A 30 2.55 28.86 20.96
C ASP A 30 2.23 27.69 20.02
N VAL A 31 0.99 27.63 19.55
CA VAL A 31 0.49 26.60 18.69
C VAL A 31 -0.18 27.29 17.52
N ASN A 32 0.13 26.87 16.32
CA ASN A 32 -0.46 27.41 15.11
C ASN A 32 -1.09 26.28 14.32
N VAL A 33 -2.42 26.25 14.23
CA VAL A 33 -3.13 25.07 13.72
C VAL A 33 -4.49 25.46 13.15
N ALA A 34 -4.86 24.85 12.02
CA ALA A 34 -6.15 25.04 11.42
C ALA A 34 -6.84 23.69 11.17
N ALA A 35 -8.13 23.65 11.49
CA ALA A 35 -8.93 22.46 11.23
C ALA A 35 -9.38 22.52 9.80
N LEU A 36 -9.26 21.40 9.12
CA LEU A 36 -9.65 21.25 7.75
C LEU A 36 -10.80 20.28 7.81
N GLU A 37 -11.97 20.73 7.33
CA GLU A 37 -13.14 19.88 7.34
C GLU A 37 -13.54 19.65 5.91
N LEU A 38 -13.67 18.36 5.57
CA LEU A 38 -14.07 17.99 4.22
C LEU A 38 -15.47 17.38 4.31
N VAL A 39 -16.42 18.03 3.63
CA VAL A 39 -17.84 17.66 3.70
C VAL A 39 -18.25 16.96 2.44
N SER A 40 -18.86 15.78 2.58
CA SER A 40 -19.44 15.11 1.40
C SER A 40 -20.91 15.44 1.25
N GLU A 41 -21.54 14.97 0.19
CA GLU A 41 -22.98 15.19 0.05
C GLU A 41 -23.94 14.25 0.86
N SER A 42 -23.38 13.21 1.49
CA SER A 42 -24.13 12.48 2.51
C SER A 42 -24.19 13.26 3.81
N GLY A 43 -23.48 14.37 3.88
CA GLY A 43 -23.47 15.22 5.09
C GLY A 43 -22.35 14.92 6.06
N GLU A 44 -21.64 13.81 5.84
CA GLU A 44 -20.53 13.38 6.69
C GLU A 44 -19.33 14.29 6.47
N VAL A 45 -18.59 14.50 7.55
CA VAL A 45 -17.48 15.42 7.55
C VAL A 45 -16.25 14.65 7.97
N GLY A 46 -15.16 14.89 7.26
CA GLY A 46 -13.85 14.47 7.69
C GLY A 46 -13.02 15.62 8.23
N LEU A 47 -12.32 15.34 9.31
CA LEU A 47 -11.52 16.35 9.94
C LEU A 47 -10.00 16.01 9.93
N GLY A 48 -9.16 16.99 9.60
CA GLY A 48 -7.75 16.91 9.92
C GLY A 48 -7.15 18.27 10.21
N PHE A 49 -5.87 18.29 10.58
CA PHE A 49 -5.15 19.43 11.15
C PHE A 49 -3.94 19.90 10.41
N ILE A 50 -3.92 21.21 10.15
CA ILE A 50 -2.84 21.82 9.39
C ILE A 50 -2.03 22.52 10.44
N GLN A 51 -0.90 21.96 10.82
CA GLN A 51 -0.11 22.55 11.86
C GLN A 51 1.17 23.16 11.29
N THR A 52 1.51 24.38 11.68
CA THR A 52 2.84 24.89 11.37
C THR A 52 3.66 24.95 12.64
N LEU A 53 4.93 24.61 12.49
CA LEU A 53 5.80 24.39 13.63
C LEU A 53 6.72 25.56 13.94
N PHE A 54 7.15 26.32 12.93
CA PHE A 54 8.12 27.37 13.18
C PHE A 54 7.52 28.74 12.93
N ASN A 55 6.65 28.84 11.93
CA ASN A 55 5.97 30.07 11.58
C ASN A 55 4.46 30.00 11.89
N PRO A 56 3.81 31.16 12.17
CA PRO A 56 2.36 31.05 12.37
C PRO A 56 1.68 30.85 11.02
N LEU A 57 0.42 30.45 11.05
CA LEU A 57 -0.37 30.32 9.84
C LEU A 57 -0.72 31.69 9.28
N PRO A 58 -0.88 31.79 7.95
CA PRO A 58 -1.45 33.05 7.50
C PRO A 58 -2.94 33.15 7.93
N ASP A 59 -3.62 34.22 7.50
CA ASP A 59 -5.04 34.42 7.84
C ASP A 59 -5.93 33.30 7.34
N GLN A 60 -6.99 33.01 8.07
CA GLN A 60 -7.96 31.99 7.67
C GLN A 60 -8.20 32.13 6.19
N GLN A 61 -8.37 33.36 5.70
CA GLN A 61 -8.69 33.63 4.32
C GLN A 61 -7.54 33.24 3.35
N GLU A 62 -6.30 33.47 3.76
CA GLU A 62 -5.16 33.10 2.96
C GLU A 62 -5.13 31.55 2.84
N ILE A 63 -5.34 30.84 3.96
CA ILE A 63 -5.41 29.38 4.00
C ILE A 63 -6.51 28.84 3.04
N GLU A 64 -7.70 29.43 3.11
CA GLU A 64 -8.81 29.04 2.27
C GLU A 64 -8.52 29.26 0.77
N SER A 65 -7.86 30.34 0.41
CA SER A 65 -7.58 30.63 -0.98
C SER A 65 -6.52 29.71 -1.58
N VAL A 66 -5.53 29.37 -0.78
CA VAL A 66 -4.47 28.48 -1.23
C VAL A 66 -5.03 27.06 -1.35
N PHE A 67 -5.72 26.59 -0.33
CA PHE A 67 -6.36 25.27 -0.43
C PHE A 67 -7.28 25.15 -1.64
N GLU A 68 -8.18 26.13 -1.84
CA GLU A 68 -9.08 26.16 -3.01
C GLU A 68 -8.32 26.06 -4.34
N HIS A 69 -7.21 26.79 -4.46
CA HIS A 69 -6.43 26.81 -5.68
C HIS A 69 -5.57 25.58 -5.86
N GLU A 70 -4.99 25.06 -4.79
CA GLU A 70 -3.95 24.05 -4.93
C GLU A 70 -4.40 22.61 -4.77
N VAL A 71 -5.27 22.37 -3.78
CA VAL A 71 -5.72 21.03 -3.50
C VAL A 71 -7.16 20.74 -3.84
N TRP A 72 -8.04 21.72 -3.65
CA TRP A 72 -9.48 21.47 -3.85
C TRP A 72 -9.91 20.88 -5.21
N PRO A 73 -9.31 21.31 -6.36
CA PRO A 73 -9.68 20.66 -7.64
C PRO A 73 -9.47 19.15 -7.69
N SER A 74 -8.50 18.63 -6.95
CA SER A 74 -8.29 17.20 -7.00
C SER A 74 -9.24 16.45 -6.06
N LEU A 75 -9.94 17.18 -5.20
CA LEU A 75 -10.84 16.53 -4.24
C LEU A 75 -12.32 16.65 -4.63
N LYS A 76 -12.71 17.78 -5.23
CA LYS A 76 -14.15 18.02 -5.43
C LYS A 76 -14.82 16.94 -6.30
N GLY A 77 -15.99 16.48 -5.87
CA GLY A 77 -16.79 15.57 -6.69
C GLY A 77 -16.33 14.13 -6.69
N ASN A 78 -15.31 13.85 -5.86
CA ASN A 78 -14.74 12.51 -5.70
C ASN A 78 -15.11 11.92 -4.35
N ARG A 79 -15.13 10.59 -4.27
CA ARG A 79 -15.39 9.90 -3.05
C ARG A 79 -14.08 9.78 -2.24
N ALA A 80 -14.14 10.08 -0.96
CA ALA A 80 -13.00 9.93 -0.08
C ALA A 80 -12.33 8.52 -0.22
N ILE A 81 -13.11 7.42 -0.15
CA ILE A 81 -12.57 6.07 -0.21
C ILE A 81 -11.88 5.76 -1.55
N ALA A 82 -12.26 6.46 -2.62
CA ALA A 82 -11.52 6.28 -3.87
C ALA A 82 -10.20 7.03 -3.82
N LEU A 83 -10.22 8.25 -3.30
CA LEU A 83 -9.05 9.09 -3.35
C LEU A 83 -7.90 8.55 -2.55
N VAL A 84 -8.18 7.96 -1.38
CA VAL A 84 -7.16 7.40 -0.50
C VAL A 84 -6.47 6.18 -1.12
N HIS A 85 -7.02 5.66 -2.22
CA HIS A 85 -6.35 4.50 -2.86
C HIS A 85 -5.49 4.91 -4.00
N ARG A 86 -5.65 6.15 -4.45
CA ARG A 86 -4.93 6.59 -5.61
C ARG A 86 -3.44 6.40 -5.43
N VAL A 87 -2.81 5.88 -6.48
CA VAL A 87 -1.37 5.82 -6.67
C VAL A 87 -1.01 6.88 -7.70
N ASN A 88 -0.19 7.86 -7.29
CA ASN A 88 0.31 8.95 -8.14
C ASN A 88 1.79 8.79 -8.42
N ARG A 89 2.28 9.21 -9.59
CA ARG A 89 3.73 9.09 -9.81
C ARG A 89 4.38 10.33 -9.24
N PRO A 90 5.61 10.20 -8.70
CA PRO A 90 6.28 11.28 -7.99
C PRO A 90 6.24 12.53 -8.84
N ARG A 91 6.93 12.49 -9.97
CA ARG A 91 6.81 13.54 -10.96
C ARG A 91 6.49 14.95 -10.39
N TYR A 98 3.18 22.18 -2.10
CA TYR A 98 2.12 23.07 -1.64
C TYR A 98 2.68 24.30 -0.92
N SER A 99 1.93 25.40 -0.98
CA SER A 99 2.37 26.62 -0.33
C SER A 99 2.27 26.58 1.20
N LEU A 100 1.47 25.64 1.72
CA LEU A 100 1.21 25.45 3.13
C LEU A 100 1.19 23.94 3.36
N PRO A 101 1.50 23.48 4.60
CA PRO A 101 1.51 22.03 4.81
C PRO A 101 0.10 21.35 4.90
N PHE A 102 -0.46 20.99 3.74
CA PHE A 102 -1.76 20.31 3.62
C PHE A 102 -1.73 18.76 3.51
N HIS A 103 -0.55 18.23 3.18
CA HIS A 103 -0.44 16.82 2.87
C HIS A 103 -1.02 15.91 4.00
N GLU A 104 -0.54 16.06 5.24
CA GLU A 104 -1.02 15.26 6.35
C GLU A 104 -2.54 15.42 6.64
N ALA A 105 -2.99 16.67 6.78
CA ALA A 105 -4.40 17.04 7.08
C ALA A 105 -5.37 16.45 6.09
N VAL A 106 -5.02 16.56 4.82
CA VAL A 106 -5.84 15.97 3.77
C VAL A 106 -5.98 14.49 3.97
N GLN A 107 -4.90 13.78 4.26
CA GLN A 107 -4.96 12.30 4.40
C GLN A 107 -5.78 11.89 5.64
N VAL A 108 -5.60 12.60 6.72
CA VAL A 108 -6.37 12.38 7.93
C VAL A 108 -7.87 12.67 7.73
N ALA A 109 -8.20 13.80 7.11
CA ALA A 109 -9.59 14.14 6.82
C ALA A 109 -10.24 13.19 5.82
N LEU A 110 -9.53 12.87 4.72
CA LEU A 110 -10.03 11.85 3.75
C LEU A 110 -10.34 10.49 4.36
N TRP A 111 -9.41 9.94 5.13
CA TRP A 111 -9.68 8.65 5.83
C TRP A 111 -10.74 8.69 6.94
N ASP A 112 -10.83 9.79 7.64
CA ASP A 112 -11.89 9.99 8.62
C ASP A 112 -13.29 9.90 7.91
N LEU A 113 -13.43 10.70 6.86
CA LEU A 113 -14.58 10.68 6.00
C LEU A 113 -14.87 9.30 5.40
N ALA A 114 -13.86 8.63 4.85
CA ALA A 114 -14.03 7.28 4.28
C ALA A 114 -14.51 6.26 5.27
N ALA A 115 -13.93 6.26 6.44
CA ALA A 115 -14.39 5.45 7.55
C ALA A 115 -15.84 5.76 7.99
N LYS A 116 -16.17 7.03 8.24
CA LYS A 116 -17.54 7.36 8.60
C LYS A 116 -18.52 6.83 7.53
N GLU A 117 -18.21 7.10 6.27
CA GLU A 117 -19.07 6.64 5.19
C GLU A 117 -19.13 5.13 5.01
N ALA A 118 -18.08 4.41 5.40
CA ALA A 118 -18.16 2.94 5.41
C ALA A 118 -18.83 2.49 6.69
N GLY A 119 -19.10 3.42 7.59
CA GLY A 119 -19.77 3.07 8.87
C GLY A 119 -18.83 2.30 9.78
N LEU A 120 -17.61 2.82 9.91
CA LEU A 120 -16.58 2.13 10.67
C LEU A 120 -15.67 3.10 11.40
N PRO A 121 -15.11 2.65 12.54
CA PRO A 121 -13.94 3.28 13.17
C PRO A 121 -12.74 3.15 12.24
N LEU A 122 -11.93 4.20 12.15
CA LEU A 122 -10.75 4.17 11.23
C LEU A 122 -9.84 2.93 11.32
N HIS A 123 -9.42 2.56 12.52
CA HIS A 123 -8.56 1.38 12.71
C HIS A 123 -9.12 0.05 12.16
N VAL A 124 -10.42 -0.17 12.32
CA VAL A 124 -11.06 -1.37 11.78
C VAL A 124 -10.97 -1.34 10.24
N LEU A 125 -11.31 -0.20 9.64
CA LEU A 125 -11.11 0.02 8.20
C LEU A 125 -9.62 -0.21 7.84
N LEU A 126 -8.70 0.16 8.74
CA LEU A 126 -7.25 -0.02 8.47
C LEU A 126 -6.79 -1.48 8.61
N GLY A 127 -7.75 -2.37 8.94
CA GLY A 127 -7.51 -3.80 9.10
C GLY A 127 -7.08 -4.21 10.51
N SER A 128 -7.27 -3.39 11.53
CA SER A 128 -6.78 -3.74 12.84
C SER A 128 -7.40 -5.01 13.35
N ARG A 129 -6.70 -5.65 14.28
CA ARG A 129 -7.22 -6.80 15.03
C ARG A 129 -7.21 -6.44 16.50
N ARG A 130 -6.62 -5.31 16.83
CA ARG A 130 -6.62 -4.88 18.20
C ARG A 130 -7.08 -3.44 18.29
N ASN A 131 -7.29 -2.98 19.51
CA ASN A 131 -7.80 -1.65 19.68
C ASN A 131 -6.93 -0.81 20.59
N ARG A 132 -5.76 -1.31 20.95
CA ARG A 132 -4.90 -0.52 21.79
C ARG A 132 -3.42 -0.68 21.53
N VAL A 133 -2.68 0.35 21.94
CA VAL A 133 -1.24 0.41 21.82
C VAL A 133 -0.64 1.08 23.06
N LYS A 134 0.53 0.64 23.48
CA LYS A 134 1.30 1.33 24.52
C LYS A 134 1.64 2.76 24.15
N ALA A 135 1.54 3.63 25.15
CA ALA A 135 1.84 5.02 24.93
C ALA A 135 3.03 5.36 25.83
N TYR A 136 3.95 6.19 25.36
CA TYR A 136 5.04 6.60 26.21
C TYR A 136 4.93 8.09 26.43
N ALA A 137 5.46 8.55 27.55
CA ALA A 137 5.30 9.93 27.94
C ALA A 137 6.52 10.68 27.41
N SER A 138 6.28 11.76 26.69
CA SER A 138 7.30 12.50 26.01
C SER A 138 7.23 13.97 26.39
N GLY A 139 8.30 14.48 26.95
CA GLY A 139 8.27 15.76 27.63
C GLY A 139 8.49 16.94 26.72
N LEU A 140 9.20 16.75 25.59
CA LEU A 140 9.57 17.88 24.68
C LEU A 140 10.22 18.96 25.57
N ASP A 141 11.10 18.46 26.44
CA ASP A 141 11.46 19.11 27.73
C ASP A 141 12.77 19.77 27.70
N PHE A 142 13.35 20.01 26.55
CA PHE A 142 14.69 20.53 26.50
C PHE A 142 14.81 21.90 27.18
N HIS A 143 13.73 22.68 27.16
CA HIS A 143 13.80 24.06 27.63
C HIS A 143 13.19 24.21 29.00
N LEU A 144 12.56 23.13 29.46
CA LEU A 144 11.95 23.08 30.78
C LEU A 144 12.96 23.29 31.93
N ASP A 145 12.59 24.09 32.94
CA ASP A 145 13.40 24.16 34.16
C ASP A 145 13.32 22.83 34.89
N ASP A 146 14.37 22.49 35.63
CA ASP A 146 14.40 21.25 36.42
C ASP A 146 13.14 20.99 37.22
N ASP A 147 12.52 22.03 37.76
CA ASP A 147 11.25 21.84 38.48
C ASP A 147 10.10 21.43 37.59
N ALA A 148 9.94 22.09 36.45
CA ALA A 148 8.86 21.71 35.51
C ALA A 148 9.00 20.27 34.93
N PHE A 149 10.24 19.84 34.68
CA PHE A 149 10.56 18.51 34.21
C PHE A 149 10.12 17.39 35.18
N VAL A 150 10.53 17.44 36.45
CA VAL A 150 10.12 16.35 37.37
C VAL A 150 8.62 16.36 37.56
N SER A 151 8.09 17.57 37.52
CA SER A 151 6.68 17.74 37.70
C SER A 151 5.89 17.02 36.58
N LEU A 152 6.31 17.20 35.32
CA LEU A 152 5.67 16.50 34.19
C LEU A 152 5.91 14.97 34.28
N PHE A 153 7.18 14.56 34.51
CA PHE A 153 7.47 13.12 34.49
C PHE A 153 6.94 12.38 35.69
N SER A 154 6.91 13.00 36.87
CA SER A 154 6.22 12.33 37.97
C SER A 154 4.66 12.36 37.83
N HIS A 155 4.10 13.41 37.25
CA HIS A 155 2.71 13.26 36.82
C HIS A 155 2.51 12.07 35.84
N ALA A 156 3.33 11.94 34.78
CA ALA A 156 3.14 10.78 33.90
C ALA A 156 3.18 9.42 34.65
N ALA A 157 4.16 9.25 35.54
CA ALA A 157 4.24 8.01 36.34
C ALA A 157 2.99 7.84 37.23
N SER A 158 2.53 8.93 37.86
CA SER A 158 1.29 8.91 38.69
C SER A 158 0.14 8.17 38.05
N ILE A 159 -0.10 8.47 36.75
CA ILE A 159 -1.24 7.94 36.00
C ILE A 159 -0.87 6.77 35.06
N GLY A 160 0.29 6.16 35.26
CA GLY A 160 0.47 4.82 34.72
C GLY A 160 1.32 4.58 33.49
N TYR A 161 2.01 5.63 33.03
CA TYR A 161 3.12 5.48 32.06
C TYR A 161 4.24 4.71 32.70
N SER A 162 4.90 3.88 31.91
CA SER A 162 6.06 3.12 32.36
C SER A 162 7.21 3.33 31.40
N ALA A 163 6.97 4.14 30.36
CA ALA A 163 8.01 4.52 29.41
C ALA A 163 8.03 6.04 29.20
N PHE A 164 9.22 6.63 29.09
CA PHE A 164 9.47 8.07 29.22
C PHE A 164 10.55 8.50 28.21
N LYS A 165 10.31 9.56 27.44
CA LYS A 165 11.31 10.09 26.51
C LYS A 165 11.66 11.52 26.85
N ILE A 166 12.95 11.78 26.93
CA ILE A 166 13.49 13.08 27.19
C ILE A 166 14.36 13.55 26.05
N LYS A 167 14.53 14.87 25.99
CA LYS A 167 15.33 15.54 24.97
C LYS A 167 16.70 15.75 25.47
N VAL A 168 17.70 15.43 24.66
CA VAL A 168 19.09 15.64 25.05
C VAL A 168 19.77 16.39 23.93
N GLY A 169 21.10 16.48 23.98
CA GLY A 169 21.84 17.20 22.96
C GLY A 169 22.38 18.52 23.42
N HIS A 170 22.35 18.79 24.75
CA HIS A 170 23.08 19.93 25.33
C HIS A 170 24.53 19.97 24.92
N ARG A 171 25.00 21.17 24.58
CA ARG A 171 26.42 21.44 24.37
C ARG A 171 27.30 20.88 25.50
N ASP A 172 26.81 20.97 26.73
CA ASP A 172 27.48 20.40 27.88
C ASP A 172 26.83 19.05 28.16
N PHE A 173 27.58 17.99 27.87
CA PHE A 173 27.08 16.62 28.05
C PHE A 173 26.62 16.37 29.47
N ASP A 174 27.21 17.06 30.44
CA ASP A 174 26.77 16.91 31.84
C ASP A 174 25.30 17.28 32.07
N ARG A 175 24.77 18.24 31.32
CA ARG A 175 23.34 18.59 31.37
C ARG A 175 22.39 17.42 30.94
N ASP A 176 22.75 16.72 29.84
CA ASP A 176 22.10 15.45 29.45
C ASP A 176 22.22 14.40 30.54
N LEU A 177 23.41 14.26 31.13
CA LEU A 177 23.49 13.25 32.19
C LEU A 177 22.67 13.60 33.41
N ARG A 178 22.60 14.89 33.70
CA ARG A 178 21.81 15.35 34.80
C ARG A 178 20.33 15.12 34.57
N ARG A 179 19.84 15.44 33.36
CA ARG A 179 18.42 15.17 33.04
C ARG A 179 18.04 13.69 33.21
N LEU A 180 18.93 12.77 32.82
CA LEU A 180 18.70 11.33 32.98
C LEU A 180 18.69 10.93 34.48
N GLU A 181 19.65 11.44 35.24
CA GLU A 181 19.62 11.30 36.70
C GLU A 181 18.31 11.88 37.32
N LEU A 182 17.91 13.10 36.94
CA LEU A 182 16.63 13.67 37.42
C LEU A 182 15.46 12.76 37.08
N LEU A 183 15.45 12.26 35.84
CA LEU A 183 14.37 11.36 35.43
C LEU A 183 14.30 10.10 36.34
N LYS A 184 15.45 9.52 36.69
CA LYS A 184 15.49 8.33 37.52
C LYS A 184 14.89 8.57 38.94
N THR A 185 15.06 9.78 39.45
CA THR A 185 14.47 10.16 40.73
C THR A 185 12.95 10.35 40.69
N CYS A 186 12.31 10.31 39.52
CA CYS A 186 10.85 10.50 39.57
C CYS A 186 9.97 9.46 38.90
N VAL A 187 10.58 8.37 38.47
CA VAL A 187 9.85 7.26 37.91
C VAL A 187 10.15 5.91 38.57
N PRO A 188 9.17 5.00 38.56
CA PRO A 188 9.46 3.68 39.16
C PRO A 188 10.69 3.06 38.57
N ALA A 189 11.41 2.28 39.39
CA ALA A 189 12.56 1.45 38.93
C ALA A 189 12.13 0.55 37.79
N GLY A 190 12.97 0.46 36.77
CA GLY A 190 12.70 -0.49 35.66
C GLY A 190 11.69 -0.02 34.62
N SER A 191 11.33 1.27 34.68
CA SER A 191 10.72 2.03 33.61
C SER A 191 11.59 2.06 32.34
N LYS A 192 10.96 2.18 31.17
CA LYS A 192 11.65 2.19 29.90
C LYS A 192 12.03 3.63 29.59
N VAL A 193 13.25 3.85 29.06
CA VAL A 193 13.71 5.24 28.77
C VAL A 193 14.21 5.43 27.34
N MET A 194 13.80 6.51 26.70
CA MET A 194 14.31 6.87 25.39
C MET A 194 14.92 8.25 25.45
N ILE A 195 15.99 8.46 24.65
CA ILE A 195 16.54 9.78 24.48
C ILE A 195 16.42 10.25 23.04
N ASP A 196 16.28 11.56 22.85
CA ASP A 196 16.12 12.19 21.55
C ASP A 196 17.01 13.43 21.45
N PRO A 197 18.22 13.29 20.89
CA PRO A 197 19.16 14.40 20.65
C PRO A 197 18.77 15.31 19.48
N ASN A 198 17.82 14.90 18.64
CA ASN A 198 17.42 15.69 17.50
C ASN A 198 18.56 16.22 16.67
N GLU A 199 19.44 15.30 16.28
CA GLU A 199 20.54 15.51 15.35
C GLU A 199 21.69 16.34 15.94
N ALA A 200 21.67 16.56 17.25
CA ALA A 200 22.71 17.35 17.89
C ALA A 200 24.09 16.71 17.78
N TRP A 201 24.15 15.42 17.55
CA TRP A 201 25.45 14.72 17.62
C TRP A 201 25.99 14.36 16.24
N THR A 202 27.30 14.24 16.12
CA THR A 202 27.93 13.56 14.99
C THR A 202 28.08 12.03 15.34
N SER A 203 28.31 11.19 14.35
CA SER A 203 28.23 9.74 14.59
C SER A 203 29.10 9.17 15.70
N LYS A 204 30.40 9.50 15.74
CA LYS A 204 31.23 8.90 16.81
C LYS A 204 30.97 9.50 18.16
N GLU A 205 30.66 10.80 18.18
CA GLU A 205 30.14 11.49 19.38
C GLU A 205 28.85 10.86 19.91
N ALA A 206 27.86 10.59 19.05
CA ALA A 206 26.65 9.81 19.50
C ALA A 206 27.05 8.52 20.20
N LEU A 207 27.92 7.75 19.53
CA LEU A 207 28.33 6.47 20.07
C LEU A 207 29.11 6.54 21.41
N THR A 208 30.01 7.50 21.58
CA THR A 208 30.71 7.63 22.87
C THR A 208 29.80 8.14 23.96
N LYS A 209 28.84 8.98 23.61
CA LYS A 209 27.79 9.38 24.56
C LYS A 209 26.85 8.24 24.96
N LEU A 210 26.44 7.43 23.99
CA LEU A 210 25.69 6.22 24.33
C LEU A 210 26.47 5.28 25.25
N VAL A 211 27.77 5.17 25.03
CA VAL A 211 28.59 4.32 25.92
C VAL A 211 28.61 4.91 27.35
N ALA A 212 28.83 6.24 27.45
CA ALA A 212 28.93 6.89 28.73
C ALA A 212 27.64 6.76 29.50
N ILE A 213 26.53 6.97 28.82
CA ILE A 213 25.20 6.78 29.40
C ILE A 213 24.97 5.37 29.90
N ARG A 214 25.47 4.39 29.17
CA ARG A 214 25.27 3.02 29.60
C ARG A 214 26.12 2.78 30.88
N GLU A 215 27.36 3.27 30.83
CA GLU A 215 28.31 3.12 31.91
C GLU A 215 27.86 3.82 33.18
N ALA A 216 27.02 4.83 33.02
CA ALA A 216 26.44 5.59 34.16
C ALA A 216 25.22 4.89 34.74
N GLY A 217 24.83 3.76 34.17
CA GLY A 217 23.73 2.99 34.70
C GLY A 217 22.37 3.24 34.08
N HIS A 218 22.32 3.96 32.96
CA HIS A 218 21.06 4.19 32.33
C HIS A 218 20.83 3.28 31.14
N ASP A 219 19.83 2.42 31.25
CA ASP A 219 19.47 1.49 30.21
C ASP A 219 18.39 2.11 29.30
N LEU A 220 18.69 2.22 28.00
CA LEU A 220 17.80 2.85 27.05
C LEU A 220 17.13 1.87 26.18
N LEU A 221 15.82 2.04 26.02
CA LEU A 221 15.05 1.38 24.98
C LEU A 221 15.44 1.81 23.55
N TRP A 222 15.58 3.11 23.34
CA TRP A 222 16.06 3.60 22.02
C TRP A 222 16.58 5.02 22.12
N VAL A 223 17.43 5.35 21.17
CA VAL A 223 17.86 6.71 20.95
CA VAL A 223 17.90 6.69 20.94
C VAL A 223 17.27 7.12 19.60
N GLU A 224 16.65 8.30 19.58
CA GLU A 224 15.92 8.74 18.42
C GLU A 224 16.63 9.86 17.70
N ASP A 225 16.73 9.80 16.39
CA ASP A 225 17.42 10.83 15.61
C ASP A 225 18.72 11.38 16.23
N PRO A 226 19.71 10.52 16.52
CA PRO A 226 20.86 11.06 17.24
C PRO A 226 21.75 12.00 16.40
N ILE A 227 21.69 11.91 15.06
CA ILE A 227 22.60 12.58 14.16
C ILE A 227 21.85 12.99 12.89
N LEU A 228 22.48 13.89 12.12
CA LEU A 228 22.07 14.25 10.77
C LEU A 228 21.40 13.12 10.07
N ARG A 229 20.15 13.29 9.70
CA ARG A 229 19.37 12.21 9.13
C ARG A 229 19.88 11.70 7.77
N HIS A 230 20.71 12.49 7.10
CA HIS A 230 21.25 12.09 5.84
C HIS A 230 22.54 11.31 6.03
N ASP A 231 23.01 11.20 7.29
CA ASP A 231 24.26 10.51 7.54
C ASP A 231 24.04 8.99 7.68
N HIS A 232 23.84 8.34 6.52
CA HIS A 232 23.53 6.93 6.49
C HIS A 232 24.73 6.12 6.94
N ASP A 233 25.92 6.51 6.50
CA ASP A 233 27.09 5.77 6.95
C ASP A 233 27.18 5.81 8.48
N GLY A 234 27.02 6.99 9.07
CA GLY A 234 27.01 7.08 10.50
C GLY A 234 25.88 6.32 11.17
N LEU A 235 24.70 6.26 10.55
CA LEU A 235 23.58 5.61 11.22
C LEU A 235 23.85 4.11 11.26
N ARG A 236 24.43 3.60 10.15
CA ARG A 236 24.81 2.18 10.04
C ARG A 236 25.87 1.82 11.07
N THR A 237 26.88 2.67 11.18
CA THR A 237 27.91 2.50 12.21
C THR A 237 27.31 2.38 13.60
N LEU A 238 26.34 3.23 13.91
CA LEU A 238 25.59 3.14 15.20
C LEU A 238 24.82 1.83 15.29
N ARG A 239 24.19 1.47 14.18
CA ARG A 239 23.34 0.28 14.18
C ARG A 239 24.22 -0.95 14.49
N HIS A 240 25.41 -0.99 13.91
CA HIS A 240 26.33 -2.11 14.06
C HIS A 240 27.05 -2.15 15.40
N ALA A 241 27.32 -1.00 16.02
CA ALA A 241 28.20 -0.96 17.20
C ALA A 241 27.45 -0.95 18.49
N VAL A 242 26.25 -0.36 18.45
CA VAL A 242 25.40 -0.16 19.62
C VAL A 242 24.54 -1.44 19.74
N THR A 243 25.05 -2.40 20.49
CA THR A 243 24.43 -3.67 20.60
C THR A 243 23.46 -3.70 21.77
N TRP A 244 23.44 -2.64 22.58
CA TRP A 244 22.62 -2.60 23.80
C TRP A 244 21.32 -1.76 23.67
N THR A 245 21.12 -1.04 22.57
CA THR A 245 19.91 -0.27 22.43
C THR A 245 19.60 -0.10 20.98
N GLN A 246 18.43 0.47 20.66
CA GLN A 246 17.97 0.64 19.28
C GLN A 246 18.17 2.05 18.75
N ILE A 247 18.49 2.18 17.47
CA ILE A 247 18.65 3.46 16.80
C ILE A 247 17.37 3.77 16.03
N ASN A 248 16.63 4.77 16.49
CA ASN A 248 15.31 5.03 15.98
C ASN A 248 15.52 6.20 15.04
N SER A 249 15.06 6.10 13.81
CA SER A 249 15.42 7.11 12.79
C SER A 249 14.28 7.40 11.86
N GLY A 250 14.27 8.61 11.32
CA GLY A 250 13.42 8.96 10.18
C GLY A 250 12.75 10.32 10.27
N GLU A 251 13.04 11.08 11.32
CA GLU A 251 12.47 12.44 11.49
C GLU A 251 12.91 13.32 10.33
N TYR A 252 11.99 14.17 9.89
CA TYR A 252 12.28 15.20 8.88
C TYR A 252 12.34 14.61 7.48
N LEU A 253 11.97 13.33 7.36
CA LEU A 253 12.01 12.67 6.08
C LEU A 253 10.59 12.50 5.57
N ASP A 254 10.40 12.65 4.26
CA ASP A 254 9.14 12.29 3.65
C ASP A 254 9.08 10.77 3.31
N LEU A 255 8.01 10.34 2.66
CA LEU A 255 7.78 8.95 2.25
C LEU A 255 8.93 8.42 1.44
N GLN A 256 9.36 9.22 0.47
CA GLN A 256 10.44 8.86 -0.40
C GLN A 256 11.70 8.68 0.45
N GLY A 257 11.87 9.60 1.40
CA GLY A 257 13.01 9.61 2.28
C GLY A 257 13.05 8.45 3.24
N LYS A 258 11.89 8.08 3.79
CA LYS A 258 11.77 6.93 4.70
C LYS A 258 12.12 5.66 3.93
N ARG A 259 11.57 5.55 2.73
CA ARG A 259 11.87 4.44 1.86
C ARG A 259 13.38 4.35 1.57
N LEU A 260 13.99 5.48 1.22
CA LEU A 260 15.43 5.50 0.95
C LEU A 260 16.25 5.15 2.20
N LEU A 261 15.76 5.58 3.35
CA LEU A 261 16.38 5.26 4.62
C LEU A 261 16.38 3.76 4.85
N LEU A 262 15.27 3.12 4.51
CA LEU A 262 15.16 1.67 4.61
C LEU A 262 16.13 0.95 3.68
N GLU A 263 16.27 1.43 2.45
CA GLU A 263 17.17 0.81 1.51
C GLU A 263 18.64 0.88 1.96
N ALA A 264 18.95 1.92 2.71
CA ALA A 264 20.27 2.14 3.22
C ALA A 264 20.53 1.35 4.51
N HIS A 265 19.56 0.60 5.03
CA HIS A 265 19.74 -0.20 6.26
C HIS A 265 20.13 0.63 7.49
N ALA A 266 19.57 1.83 7.58
CA ALA A 266 20.02 2.92 8.44
C ALA A 266 19.14 3.14 9.69
N ALA A 267 18.28 2.19 10.02
CA ALA A 267 17.40 2.35 11.15
C ALA A 267 17.17 1.00 11.76
N ASP A 268 17.26 0.92 13.08
CA ASP A 268 16.72 -0.24 13.76
C ASP A 268 15.22 -0.09 13.90
N ILE A 269 14.74 1.15 14.07
CA ILE A 269 13.29 1.41 14.17
C ILE A 269 13.01 2.61 13.25
N LEU A 270 11.91 2.57 12.49
CA LEU A 270 11.52 3.74 11.69
C LEU A 270 10.47 4.59 12.45
N ASN A 271 10.70 5.89 12.73
CA ASN A 271 9.63 6.73 13.32
CA ASN A 271 9.66 6.75 13.32
C ASN A 271 8.80 7.38 12.23
N VAL A 272 7.50 7.46 12.46
CA VAL A 272 6.62 8.10 11.48
C VAL A 272 5.62 8.94 12.23
N HIS A 273 4.84 9.72 11.49
CA HIS A 273 3.79 10.56 12.05
C HIS A 273 2.42 10.17 11.52
N GLY A 274 1.58 11.13 11.15
CA GLY A 274 0.17 10.88 10.88
C GLY A 274 -0.29 10.97 9.43
N GLN A 275 0.63 10.90 8.45
CA GLN A 275 0.21 10.88 7.08
C GLN A 275 -0.40 9.54 6.81
N VAL A 276 -1.69 9.41 7.06
CA VAL A 276 -2.32 8.08 7.09
C VAL A 276 -1.96 7.20 5.92
N THR A 277 -2.15 7.66 4.70
CA THR A 277 -1.86 6.85 3.54
C THR A 277 -0.38 6.52 3.38
N ASP A 278 0.51 7.49 3.57
CA ASP A 278 1.95 7.21 3.52
C ASP A 278 2.38 6.17 4.57
N VAL A 279 1.81 6.29 5.79
CA VAL A 279 2.11 5.40 6.93
C VAL A 279 1.70 3.97 6.70
N MET A 280 0.51 3.77 6.15
CA MET A 280 0.12 2.40 5.80
C MET A 280 0.95 1.80 4.65
N ARG A 281 1.40 2.65 3.75
CA ARG A 281 2.25 2.15 2.68
C ARG A 281 3.66 1.81 3.22
N ILE A 282 4.26 2.73 4.00
CA ILE A 282 5.58 2.47 4.57
C ILE A 282 5.50 1.35 5.60
N GLY A 283 4.35 1.24 6.27
CA GLY A 283 4.09 0.12 7.17
C GLY A 283 3.97 -1.24 6.52
N TRP A 284 3.46 -1.32 5.28
CA TRP A 284 3.51 -2.57 4.52
C TRP A 284 5.00 -2.95 4.21
N LEU A 285 5.70 -2.03 3.54
CA LEU A 285 7.10 -2.20 3.22
C LEU A 285 7.93 -2.63 4.47
N ALA A 286 7.94 -1.83 5.52
CA ALA A 286 8.61 -2.20 6.78
C ALA A 286 8.27 -3.60 7.32
N ALA A 287 7.01 -4.02 7.24
CA ALA A 287 6.58 -5.35 7.73
C ALA A 287 7.25 -6.43 6.91
N GLU A 288 7.43 -6.16 5.60
CA GLU A 288 8.06 -7.07 4.66
C GLU A 288 9.59 -7.18 4.91
N LEU A 289 10.16 -6.07 5.38
CA LEU A 289 11.54 -5.92 5.59
C LEU A 289 11.97 -6.38 6.99
N GLY A 290 11.01 -6.46 7.91
CA GLY A 290 11.27 -6.89 9.27
C GLY A 290 11.71 -5.76 10.17
N ILE A 291 11.41 -4.52 9.76
CA ILE A 291 11.71 -3.29 10.52
C ILE A 291 10.49 -2.88 11.35
N PRO A 292 10.65 -2.69 12.66
CA PRO A 292 9.54 -2.15 13.45
C PRO A 292 9.35 -0.64 13.24
N ILE A 293 8.24 -0.08 13.70
CA ILE A 293 7.89 1.32 13.44
C ILE A 293 7.39 1.89 14.73
N SER A 294 7.76 3.14 15.03
CA SER A 294 7.11 3.84 16.15
C SER A 294 6.32 5.01 15.59
N ILE A 295 5.16 5.26 16.17
CA ILE A 295 4.35 6.44 15.86
C ILE A 295 4.67 7.60 16.82
N GLY A 296 5.14 8.70 16.24
CA GLY A 296 5.40 9.91 16.96
C GLY A 296 4.13 10.74 17.15
N ASN A 297 4.33 11.95 17.68
CA ASN A 297 3.24 12.88 17.91
C ASN A 297 2.42 13.04 16.66
N THR A 298 1.12 12.76 16.78
CA THR A 298 0.16 13.19 15.79
C THR A 298 -0.79 14.17 16.48
N PHE A 299 -1.23 15.20 15.77
CA PHE A 299 -2.15 16.16 16.35
C PHE A 299 -3.40 15.47 16.87
N LEU A 300 -3.63 15.60 18.17
CA LEU A 300 -4.74 14.99 18.89
C LEU A 300 -4.80 13.48 18.83
N GLU A 301 -3.67 12.84 18.56
CA GLU A 301 -3.47 11.39 18.68
C GLU A 301 -4.29 10.61 17.66
N ALA A 302 -4.65 11.27 16.55
CA ALA A 302 -5.21 10.61 15.39
C ALA A 302 -4.45 9.32 14.96
N GLY A 303 -3.11 9.34 15.06
CA GLY A 303 -2.29 8.22 14.62
C GLY A 303 -2.56 6.98 15.44
N VAL A 304 -3.41 7.09 16.47
CA VAL A 304 -3.76 5.89 17.24
C VAL A 304 -4.26 4.71 16.36
N HIS A 305 -4.90 5.07 15.25
CA HIS A 305 -5.53 4.09 14.40
C HIS A 305 -4.56 3.31 13.55
N MET A 306 -3.54 3.96 13.02
CA MET A 306 -2.45 3.26 12.32
C MET A 306 -1.61 2.51 13.35
N ALA A 307 -1.47 3.06 14.55
CA ALA A 307 -0.61 2.38 15.54
C ALA A 307 -1.18 1.04 15.87
N VAL A 308 -2.49 0.99 16.14
CA VAL A 308 -3.10 -0.28 16.49
C VAL A 308 -3.27 -1.13 15.25
N ALA A 309 -3.32 -0.55 14.04
CA ALA A 309 -3.58 -1.41 12.87
C ALA A 309 -2.33 -2.07 12.25
N LEU A 310 -1.18 -1.44 12.40
CA LEU A 310 0.06 -2.06 11.86
C LEU A 310 0.59 -3.04 12.87
N PRO A 311 1.00 -4.21 12.42
CA PRO A 311 1.49 -5.21 13.41
C PRO A 311 2.91 -4.91 13.96
N GLU A 312 3.76 -4.20 13.18
CA GLU A 312 5.13 -3.89 13.62
C GLU A 312 5.25 -2.68 14.53
N VAL A 313 4.11 -2.16 15.02
CA VAL A 313 4.11 -0.97 15.88
C VAL A 313 3.75 -1.40 17.28
N GLU A 314 4.61 -1.04 18.24
CA GLU A 314 4.29 -1.27 19.65
C GLU A 314 4.14 0.01 20.49
N TRP A 315 4.61 1.15 19.96
CA TRP A 315 4.65 2.43 20.73
C TRP A 315 4.09 3.65 20.01
N LEU A 316 3.37 4.45 20.75
CA LEU A 316 2.83 5.72 20.26
C LEU A 316 3.25 6.86 21.21
N GLU A 317 3.71 7.96 20.64
CA GLU A 317 4.17 9.10 21.43
C GLU A 317 3.01 9.96 21.95
N TYR A 318 3.05 10.29 23.24
CA TYR A 318 2.11 11.29 23.80
C TYR A 318 2.85 12.39 24.60
N SER A 319 2.53 13.65 24.35
CA SER A 319 3.36 14.77 24.81
C SER A 319 2.65 15.79 25.72
N PHE A 320 1.46 15.43 26.18
CA PHE A 320 0.72 16.26 27.12
C PHE A 320 0.48 17.68 26.61
N GLN A 321 0.31 17.87 25.31
CA GLN A 321 0.03 19.22 24.77
C GLN A 321 -1.41 19.74 25.15
N ASN A 322 -1.59 21.06 25.27
CA ASN A 322 -2.90 21.61 25.66
C ASN A 322 -3.76 21.76 24.41
N PHE A 323 -4.31 20.65 23.94
CA PHE A 323 -5.04 20.56 22.64
C PHE A 323 -6.48 20.06 22.82
N ASP A 324 -6.81 19.47 23.94
CA ASP A 324 -8.04 18.70 24.04
C ASP A 324 -9.30 19.55 23.90
N HIS A 325 -9.21 20.82 24.29
CA HIS A 325 -10.34 21.71 24.26
C HIS A 325 -10.91 21.88 22.83
N LEU A 326 -10.11 21.54 21.83
CA LEU A 326 -10.52 21.73 20.48
C LEU A 326 -11.52 20.67 19.99
N VAL A 327 -11.63 19.54 20.68
CA VAL A 327 -12.48 18.45 20.20
C VAL A 327 -13.48 17.98 21.28
N GLU A 328 -14.54 17.28 20.87
CA GLU A 328 -15.58 16.83 21.80
C GLU A 328 -15.05 15.78 22.74
N GLN A 329 -14.50 14.70 22.20
CA GLN A 329 -13.80 13.69 23.02
C GLN A 329 -12.47 13.24 22.44
N PRO A 330 -11.40 13.54 23.17
CA PRO A 330 -10.04 13.22 22.79
C PRO A 330 -9.83 11.72 22.89
N ILE A 331 -8.73 11.22 22.33
CA ILE A 331 -8.37 9.82 22.42
C ILE A 331 -8.06 9.37 23.85
N GLU A 332 -8.72 8.33 24.32
CA GLU A 332 -8.43 7.75 25.62
C GLU A 332 -6.98 7.20 25.75
N ILE A 333 -6.27 7.63 26.78
CA ILE A 333 -5.06 6.98 27.20
C ILE A 333 -5.20 6.61 28.68
N ARG A 334 -5.20 5.33 28.97
CA ARG A 334 -5.43 4.83 30.34
C ARG A 334 -4.38 3.83 30.74
N ASP A 335 -3.70 4.08 31.85
CA ASP A 335 -2.61 3.24 32.34
C ASP A 335 -1.50 2.90 31.33
N GLY A 336 -1.06 3.92 30.59
CA GLY A 336 0.00 3.74 29.61
C GLY A 336 -0.42 3.02 28.34
N TYR A 337 -1.74 2.89 28.10
CA TYR A 337 -2.22 2.39 26.81
C TYR A 337 -3.12 3.40 26.12
N ALA A 338 -2.90 3.59 24.82
CA ALA A 338 -3.75 4.44 24.03
C ALA A 338 -4.78 3.55 23.36
N TYR A 339 -6.02 4.03 23.34
CA TYR A 339 -7.12 3.24 22.83
C TYR A 339 -7.72 3.87 21.62
N ALA A 340 -7.75 3.11 20.53
CA ALA A 340 -8.48 3.55 19.36
C ALA A 340 -9.96 3.32 19.63
N PRO A 341 -10.77 4.40 19.61
CA PRO A 341 -12.19 4.35 19.99
C PRO A 341 -13.07 3.62 19.01
N ASP A 342 -14.25 3.22 19.49
CA ASP A 342 -15.23 2.49 18.69
C ASP A 342 -16.26 3.40 18.01
N ARG A 343 -15.92 4.66 17.81
CA ARG A 343 -16.75 5.63 17.12
C ARG A 343 -16.39 5.59 15.61
N PRO A 344 -17.26 6.14 14.73
CA PRO A 344 -16.85 6.18 13.33
C PRO A 344 -15.79 7.22 13.04
N GLY A 345 -15.06 7.02 11.94
CA GLY A 345 -13.92 7.86 11.66
C GLY A 345 -12.79 7.61 12.64
N HIS A 346 -11.96 8.62 12.80
CA HIS A 346 -10.88 8.56 13.77
C HIS A 346 -11.38 8.93 15.18
N GLY A 347 -12.67 9.30 15.29
CA GLY A 347 -13.32 9.61 16.56
C GLY A 347 -13.10 11.03 17.01
N LEU A 348 -12.41 11.86 16.23
CA LEU A 348 -12.19 13.24 16.66
C LEU A 348 -13.19 14.12 15.94
N VAL A 349 -13.94 14.86 16.73
CA VAL A 349 -14.91 15.84 16.19
C VAL A 349 -14.69 17.17 16.83
N LEU A 350 -14.58 18.20 16.02
CA LEU A 350 -14.27 19.53 16.48
C LEU A 350 -15.33 20.06 17.46
N SER A 351 -14.90 20.74 18.51
CA SER A 351 -15.86 21.22 19.50
C SER A 351 -16.46 22.53 19.00
N GLU A 352 -17.79 22.58 18.96
CA GLU A 352 -18.46 23.81 18.50
C GLU A 352 -18.21 24.97 19.45
N LYS A 353 -18.19 24.68 20.75
CA LYS A 353 -17.81 25.71 21.72
C LYS A 353 -16.42 26.22 21.39
N ALA A 354 -15.51 25.31 21.07
CA ALA A 354 -14.12 25.67 20.73
C ALA A 354 -13.99 26.51 19.48
N ARG A 355 -14.67 26.13 18.41
CA ARG A 355 -14.72 26.93 17.20
C ARG A 355 -15.24 28.38 17.42
N GLY A 356 -16.00 28.62 18.50
CA GLY A 356 -16.50 29.97 18.84
C GLY A 356 -15.57 30.79 19.72
N GLU A 357 -15.12 30.20 20.83
CA GLU A 357 -14.21 30.88 21.75
C GLU A 357 -12.83 31.06 21.16
N TRP A 358 -12.34 30.04 20.45
CA TRP A 358 -10.91 29.99 20.11
C TRP A 358 -10.52 30.30 18.67
N SER A 359 -11.49 30.46 17.79
CA SER A 359 -11.17 30.76 16.38
C SER A 359 -10.35 32.05 16.30
N ARG A 360 -9.29 32.06 15.50
CA ARG A 360 -8.51 33.33 15.27
C ARG A 360 -8.18 33.50 13.79
N PRO A 361 -9.08 34.11 13.03
CA PRO A 361 -8.96 34.20 11.56
C PRO A 361 -7.75 35.03 11.12
N ARG A 362 -7.32 35.91 12.00
CA ARG A 362 -6.36 36.94 11.64
C ARG A 362 -5.09 36.68 12.42
N ARG A 363 -3.97 36.65 11.70
CA ARG A 363 -2.66 36.36 12.27
C ARG A 363 -2.28 37.40 13.33
N LEU A 364 -1.99 36.94 14.55
CA LEU A 364 -1.63 37.83 15.65
C LEU A 364 -0.15 37.84 15.98
N ALA A 365 0.32 38.90 16.60
CA ALA A 365 1.62 38.91 17.22
C ALA A 365 1.52 37.97 18.42
N ARG A 366 2.64 37.41 18.84
CA ARG A 366 2.70 36.50 20.01
C ARG A 366 2.20 37.11 21.34
N SER A 367 2.49 38.39 21.59
CA SER A 367 2.05 39.15 22.80
C SER A 367 0.54 39.35 22.88
N GLU A 368 -0.11 39.16 21.73
CA GLU A 368 -1.57 39.29 21.60
C GLU A 368 -2.33 37.98 21.83
N LEU A 369 -1.67 36.94 22.29
CA LEU A 369 -2.37 35.65 22.35
C LEU A 369 -3.23 35.38 23.57
N GLY A 370 -3.04 36.14 24.64
CA GLY A 370 -3.81 35.87 25.83
C GLY A 370 -3.42 34.59 26.56
N ALA A 371 -4.18 34.27 27.59
CA ALA A 371 -3.95 33.09 28.42
C ALA A 371 -3.94 31.82 27.54
N ALA A 372 -3.15 30.82 27.94
CA ALA A 372 -3.14 29.49 27.28
C ALA A 372 -4.46 28.84 27.57
N PRO A 373 -5.05 28.09 26.60
CA PRO A 373 -6.12 27.17 27.04
C PRO A 373 -5.64 26.30 28.20
N GLU A 374 -6.53 26.00 29.15
CA GLU A 374 -6.15 25.18 30.31
C GLU A 374 -5.79 23.75 29.84
N ASN A 375 -4.91 23.09 30.59
CA ASN A 375 -4.43 21.76 30.22
C ASN A 375 -4.68 20.72 31.32
N PRO A 376 -5.85 20.10 31.28
CA PRO A 376 -6.23 19.08 32.24
C PRO A 376 -5.37 17.80 32.18
N ARG A 377 -4.48 17.70 31.20
CA ARG A 377 -3.69 16.47 30.98
C ARG A 377 -2.40 16.55 31.80
N LEU A 378 -2.17 17.77 32.29
CA LEU A 378 -1.10 18.08 33.22
C LEU A 378 -1.67 18.61 34.59
N PRO A 379 -0.84 18.59 35.66
CA PRO A 379 -1.46 19.14 36.88
C PRO A 379 -1.70 20.67 36.79
N LEU B 3 -23.25 -5.90 7.52
CA LEU B 3 -22.49 -5.91 6.23
C LEU B 3 -21.35 -6.89 6.24
N SER B 4 -21.28 -7.72 7.26
CA SER B 4 -20.14 -8.64 7.37
C SER B 4 -20.26 -9.95 6.60
N LEU B 5 -19.14 -10.62 6.37
CA LEU B 5 -19.16 -11.90 5.65
C LEU B 5 -19.85 -12.97 6.47
N SER B 6 -20.74 -13.75 5.84
CA SER B 6 -21.45 -14.82 6.56
C SER B 6 -21.40 -16.19 5.93
N HIS B 7 -21.32 -16.26 4.61
CA HIS B 7 -21.28 -17.56 3.93
C HIS B 7 -20.33 -17.49 2.73
N PHE B 8 -19.76 -18.64 2.39
CA PHE B 8 -19.06 -18.80 1.14
C PHE B 8 -19.68 -19.88 0.24
N ARG B 9 -19.36 -19.84 -1.05
CA ARG B 9 -19.87 -20.80 -2.01
C ARG B 9 -18.76 -21.19 -3.00
N ILE B 10 -18.54 -22.47 -3.19
CA ILE B 10 -17.62 -22.94 -4.21
C ILE B 10 -18.37 -23.72 -5.29
N THR B 11 -18.11 -23.36 -6.55
CA THR B 11 -18.50 -24.15 -7.69
C THR B 11 -17.31 -24.56 -8.56
N ARG B 12 -17.05 -25.86 -8.64
CA ARG B 12 -15.94 -26.35 -9.39
C ARG B 12 -16.30 -26.44 -10.88
N PHE B 13 -15.38 -26.06 -11.76
CA PHE B 13 -15.53 -26.30 -13.18
C PHE B 13 -14.35 -27.09 -13.72
N GLN B 14 -14.55 -27.90 -14.76
CA GLN B 14 -13.45 -28.57 -15.45
C GLN B 14 -13.92 -28.87 -16.90
N PHE B 15 -13.28 -28.28 -17.88
CA PHE B 15 -13.78 -28.36 -19.25
C PHE B 15 -12.62 -28.33 -20.19
N ALA B 16 -12.86 -28.69 -21.44
CA ALA B 16 -11.80 -28.75 -22.42
C ALA B 16 -11.60 -27.39 -23.01
N ARG B 17 -10.39 -27.15 -23.48
CA ARG B 17 -10.08 -25.93 -24.22
C ARG B 17 -10.48 -26.10 -25.67
N ASP B 18 -10.69 -25.00 -26.38
CA ASP B 18 -10.96 -25.04 -27.82
C ASP B 18 -9.69 -25.12 -28.62
N ARG B 19 -8.54 -25.01 -27.95
CA ARG B 19 -7.21 -25.05 -28.65
C ARG B 19 -6.20 -25.51 -27.63
N VAL B 20 -5.12 -26.13 -28.06
CA VAL B 20 -3.97 -26.34 -27.18
C VAL B 20 -3.25 -25.01 -26.81
N ILE B 21 -3.17 -24.69 -25.50
CA ILE B 21 -2.40 -23.51 -25.08
C ILE B 21 -1.10 -23.97 -24.47
N GLY B 22 -0.10 -23.09 -24.47
CA GLY B 22 1.10 -23.39 -23.74
C GLY B 22 2.30 -22.55 -24.13
N ASP B 23 3.45 -22.97 -23.62
CA ASP B 23 4.69 -22.27 -23.82
C ASP B 23 5.85 -23.25 -23.84
N SER B 24 7.07 -22.73 -23.90
CA SER B 24 8.26 -23.56 -24.01
C SER B 24 8.40 -24.60 -22.89
N GLN B 25 7.73 -24.38 -21.76
CA GLN B 25 7.84 -25.26 -20.58
C GLN B 25 6.65 -26.26 -20.48
N VAL B 26 5.47 -25.83 -20.92
CA VAL B 26 4.22 -26.43 -20.45
C VAL B 26 3.11 -26.48 -21.52
N ARG B 27 2.23 -27.48 -21.44
CA ARG B 27 1.14 -27.75 -22.43
C ARG B 27 -0.21 -27.97 -21.70
N ALA B 28 -1.28 -27.40 -22.26
CA ALA B 28 -2.64 -27.54 -21.66
C ALA B 28 -3.76 -27.53 -22.70
N ASP B 29 -4.68 -28.49 -22.56
CA ASP B 29 -5.91 -28.46 -23.39
C ASP B 29 -7.18 -28.50 -22.57
N ASP B 30 -7.08 -28.29 -21.27
CA ASP B 30 -8.25 -28.21 -20.39
C ASP B 30 -8.07 -27.07 -19.41
N VAL B 31 -9.11 -26.78 -18.64
CA VAL B 31 -9.19 -25.69 -17.69
C VAL B 31 -9.71 -26.31 -16.37
N ASN B 32 -9.02 -26.03 -15.27
CA ASN B 32 -9.53 -26.34 -13.97
C ASN B 32 -9.69 -25.05 -13.16
N VAL B 33 -10.94 -24.68 -12.85
CA VAL B 33 -11.23 -23.49 -12.11
C VAL B 33 -12.46 -23.67 -11.22
N ALA B 34 -12.42 -23.08 -10.01
CA ALA B 34 -13.60 -23.01 -9.14
C ALA B 34 -14.00 -21.57 -8.85
N ALA B 35 -15.27 -21.27 -8.97
CA ALA B 35 -15.74 -19.95 -8.61
C ALA B 35 -15.84 -19.85 -7.07
N LEU B 36 -15.21 -18.84 -6.46
CA LEU B 36 -15.44 -18.61 -5.04
C LEU B 36 -16.33 -17.42 -4.89
N GLU B 37 -17.45 -17.61 -4.21
CA GLU B 37 -18.35 -16.51 -3.89
C GLU B 37 -18.33 -16.25 -2.40
N LEU B 38 -18.06 -14.99 -2.04
CA LEU B 38 -18.07 -14.61 -0.64
C LEU B 38 -19.32 -13.78 -0.40
N VAL B 39 -20.17 -14.25 0.50
CA VAL B 39 -21.48 -13.57 0.71
C VAL B 39 -21.50 -12.76 1.98
N SER B 40 -21.96 -11.53 1.92
CA SER B 40 -22.09 -10.75 3.14
C SER B 40 -23.53 -10.77 3.66
N GLU B 41 -23.70 -10.40 4.93
CA GLU B 41 -25.02 -10.27 5.54
C GLU B 41 -25.94 -9.31 4.76
N SER B 42 -25.35 -8.48 3.90
CA SER B 42 -26.11 -7.50 3.14
C SER B 42 -26.69 -8.09 1.87
N GLY B 43 -26.45 -9.35 1.60
CA GLY B 43 -26.93 -9.88 0.33
C GLY B 43 -25.95 -9.76 -0.83
N GLU B 44 -24.98 -8.85 -0.76
CA GLU B 44 -23.96 -8.72 -1.82
C GLU B 44 -22.98 -9.87 -1.80
N VAL B 45 -22.58 -10.25 -3.02
CA VAL B 45 -21.64 -11.33 -3.28
C VAL B 45 -20.36 -10.81 -3.96
N GLY B 46 -19.22 -11.28 -3.48
CA GLY B 46 -17.96 -11.12 -4.17
C GLY B 46 -17.51 -12.43 -4.80
N LEU B 47 -17.10 -12.34 -6.07
CA LEU B 47 -16.65 -13.47 -6.84
C LEU B 47 -15.14 -13.44 -7.13
N GLY B 48 -14.45 -14.56 -6.91
CA GLY B 48 -13.06 -14.71 -7.40
C GLY B 48 -12.89 -16.10 -7.97
N PHE B 49 -11.78 -16.37 -8.65
CA PHE B 49 -11.58 -17.66 -9.31
C PHE B 49 -10.35 -18.37 -8.83
N ILE B 50 -10.56 -19.61 -8.40
CA ILE B 50 -9.49 -20.50 -7.94
C ILE B 50 -9.05 -21.33 -9.12
N GLN B 51 -7.93 -21.00 -9.76
CA GLN B 51 -7.48 -21.72 -10.93
C GLN B 51 -6.17 -22.51 -10.71
N THR B 52 -6.12 -23.78 -11.14
CA THR B 52 -4.85 -24.52 -11.15
C THR B 52 -4.37 -24.78 -12.57
N LEU B 53 -3.07 -24.62 -12.77
CA LEU B 53 -2.51 -24.55 -14.11
C LEU B 53 -1.77 -25.82 -14.51
N PHE B 54 -1.22 -26.49 -13.50
CA PHE B 54 -0.35 -27.66 -13.72
C PHE B 54 -1.07 -28.96 -13.43
N ASN B 55 -2.02 -28.91 -12.52
CA ASN B 55 -2.73 -30.09 -12.04
C ASN B 55 -4.22 -29.76 -11.85
N PRO B 56 -5.10 -30.78 -11.93
CA PRO B 56 -6.54 -30.44 -11.82
C PRO B 56 -6.92 -30.19 -10.36
N LEU B 57 -8.06 -29.55 -10.12
CA LEU B 57 -8.53 -29.33 -8.75
C LEU B 57 -9.09 -30.64 -8.19
N PRO B 58 -9.11 -30.79 -6.87
CA PRO B 58 -9.80 -31.91 -6.26
C PRO B 58 -11.32 -31.69 -6.36
N ASP B 59 -12.14 -32.63 -5.86
CA ASP B 59 -13.59 -32.45 -5.82
C ASP B 59 -14.05 -31.13 -5.12
N GLN B 60 -15.23 -30.63 -5.54
CA GLN B 60 -15.88 -29.49 -4.92
CA GLN B 60 -15.86 -29.49 -4.91
C GLN B 60 -15.82 -29.62 -3.38
N GLN B 61 -16.22 -30.77 -2.84
CA GLN B 61 -16.31 -30.89 -1.39
C GLN B 61 -14.96 -30.81 -0.70
N GLU B 62 -13.92 -31.28 -1.40
CA GLU B 62 -12.54 -31.15 -0.93
C GLU B 62 -12.07 -29.66 -0.90
N ILE B 63 -12.35 -28.91 -1.97
CA ILE B 63 -12.00 -27.52 -2.03
C ILE B 63 -12.66 -26.77 -0.87
N GLU B 64 -13.94 -27.03 -0.68
CA GLU B 64 -14.79 -26.42 0.34
C GLU B 64 -14.25 -26.71 1.73
N SER B 65 -13.86 -27.96 1.95
CA SER B 65 -13.56 -28.33 3.30
C SER B 65 -12.25 -27.70 3.70
N VAL B 66 -11.35 -27.57 2.74
CA VAL B 66 -10.05 -26.97 2.97
C VAL B 66 -10.18 -25.45 3.16
N PHE B 67 -11.06 -24.84 2.37
CA PHE B 67 -11.26 -23.41 2.47
C PHE B 67 -11.89 -23.09 3.84
N GLU B 68 -12.81 -23.96 4.25
CA GLU B 68 -13.50 -23.81 5.53
C GLU B 68 -12.57 -23.94 6.72
N HIS B 69 -11.67 -24.90 6.64
CA HIS B 69 -10.81 -25.23 7.74
C HIS B 69 -9.71 -24.19 7.82
N GLU B 70 -9.17 -23.84 6.65
CA GLU B 70 -7.93 -23.10 6.60
C GLU B 70 -7.96 -21.59 6.23
N VAL B 71 -9.09 -21.11 5.68
CA VAL B 71 -9.21 -19.70 5.23
C VAL B 71 -10.40 -19.02 5.86
N TRP B 72 -11.55 -19.69 5.85
CA TRP B 72 -12.81 -19.08 6.29
C TRP B 72 -12.83 -18.42 7.74
N PRO B 73 -12.12 -19.01 8.73
CA PRO B 73 -11.99 -18.44 10.11
C PRO B 73 -11.45 -17.03 10.15
N SER B 74 -10.55 -16.69 9.22
CA SER B 74 -10.03 -15.34 9.15
C SER B 74 -10.95 -14.35 8.43
N LEU B 75 -11.92 -14.88 7.68
CA LEU B 75 -12.86 -14.05 6.91
C LEU B 75 -14.21 -13.83 7.60
N LYS B 76 -14.71 -14.87 8.26
CA LYS B 76 -16.06 -14.87 8.80
C LYS B 76 -16.28 -13.73 9.80
N GLY B 77 -17.44 -13.10 9.76
CA GLY B 77 -17.75 -12.05 10.72
C GLY B 77 -17.14 -10.69 10.44
N ASN B 78 -16.28 -10.61 9.41
CA ASN B 78 -15.54 -9.40 9.02
C ASN B 78 -16.10 -8.62 7.81
N ARG B 79 -15.76 -7.33 7.72
CA ARG B 79 -16.06 -6.48 6.57
C ARG B 79 -14.99 -6.62 5.50
N ALA B 80 -15.41 -6.86 4.26
CA ALA B 80 -14.50 -6.93 3.11
C ALA B 80 -13.56 -5.74 3.03
N ILE B 81 -14.13 -4.53 3.12
CA ILE B 81 -13.33 -3.31 2.99
C ILE B 81 -12.29 -3.22 4.12
N ALA B 82 -12.55 -3.82 5.28
CA ALA B 82 -11.59 -3.88 6.40
C ALA B 82 -10.48 -4.85 6.09
N LEU B 83 -10.84 -6.07 5.72
CA LEU B 83 -9.86 -7.09 5.40
C LEU B 83 -8.81 -6.70 4.35
N VAL B 84 -9.21 -5.96 3.32
CA VAL B 84 -8.31 -5.68 2.21
C VAL B 84 -7.15 -4.72 2.59
N HIS B 85 -7.31 -3.99 3.68
CA HIS B 85 -6.30 -2.98 4.08
C HIS B 85 -5.30 -3.58 5.05
N ARG B 86 -5.57 -4.82 5.49
CA ARG B 86 -4.72 -5.46 6.50
C ARG B 86 -3.31 -5.63 6.03
N VAL B 87 -2.40 -5.20 6.91
CA VAL B 87 -0.97 -5.48 6.79
C VAL B 87 -0.71 -6.62 7.75
N ASN B 88 -0.34 -7.76 7.19
CA ASN B 88 0.03 -8.96 7.94
C ASN B 88 1.53 -9.13 7.96
N ARG B 89 2.06 -9.81 8.95
CA ARG B 89 3.51 -10.01 9.00
C ARG B 89 3.85 -11.25 8.21
N PRO B 90 4.98 -11.19 7.46
CA PRO B 90 5.40 -12.16 6.44
C PRO B 90 5.41 -13.58 6.96
N ARG B 91 6.40 -13.90 7.79
CA ARG B 91 6.46 -15.17 8.55
C ARG B 91 6.29 -16.50 7.78
N TYR B 98 -0.91 -21.73 1.36
CA TYR B 98 -2.18 -22.48 1.39
C TYR B 98 -2.13 -23.87 0.75
N SER B 99 -3.03 -24.74 1.22
CA SER B 99 -3.10 -26.11 0.72
C SER B 99 -3.62 -26.16 -0.74
N LEU B 100 -4.43 -25.17 -1.10
CA LEU B 100 -4.81 -24.89 -2.49
C LEU B 100 -4.57 -23.41 -2.80
N PRO B 101 -4.50 -23.04 -4.09
CA PRO B 101 -4.28 -21.62 -4.49
C PRO B 101 -5.43 -20.63 -4.29
N PHE B 102 -5.76 -20.34 -3.05
CA PHE B 102 -6.84 -19.46 -2.71
C PHE B 102 -6.46 -17.95 -2.70
N HIS B 103 -5.17 -17.65 -2.77
CA HIS B 103 -4.69 -16.31 -2.41
C HIS B 103 -5.22 -15.22 -3.38
N GLU B 104 -5.11 -15.44 -4.69
CA GLU B 104 -5.65 -14.50 -5.67
C GLU B 104 -7.17 -14.47 -5.63
N ALA B 105 -7.81 -15.64 -5.54
CA ALA B 105 -9.30 -15.73 -5.53
C ALA B 105 -9.94 -14.96 -4.37
N VAL B 106 -9.35 -15.10 -3.19
CA VAL B 106 -9.80 -14.37 -1.99
C VAL B 106 -9.61 -12.89 -2.16
N GLN B 107 -8.47 -12.45 -2.64
CA GLN B 107 -8.31 -11.04 -2.84
C GLN B 107 -9.32 -10.47 -3.86
N VAL B 108 -9.56 -11.20 -4.96
CA VAL B 108 -10.50 -10.75 -6.03
C VAL B 108 -11.92 -10.73 -5.48
N ALA B 109 -12.31 -11.75 -4.75
CA ALA B 109 -13.66 -11.77 -4.19
C ALA B 109 -13.86 -10.66 -3.16
N LEU B 110 -12.85 -10.43 -2.32
CA LEU B 110 -12.92 -9.44 -1.25
C LEU B 110 -13.06 -7.99 -1.81
N TRP B 111 -12.24 -7.64 -2.78
CA TRP B 111 -12.36 -6.31 -3.44
C TRP B 111 -13.60 -6.18 -4.31
N ASP B 112 -14.09 -7.31 -4.84
CA ASP B 112 -15.38 -7.30 -5.54
C ASP B 112 -16.49 -6.91 -4.56
N LEU B 113 -16.53 -7.61 -3.43
CA LEU B 113 -17.43 -7.25 -2.32
C LEU B 113 -17.27 -5.82 -1.74
N ALA B 114 -16.05 -5.40 -1.41
CA ALA B 114 -15.83 -4.07 -0.89
C ALA B 114 -16.37 -2.98 -1.82
N ALA B 115 -16.09 -3.11 -3.11
CA ALA B 115 -16.53 -2.11 -4.07
C ALA B 115 -18.07 -2.07 -4.17
N LYS B 116 -18.70 -3.23 -4.25
CA LYS B 116 -20.17 -3.35 -4.21
C LYS B 116 -20.76 -2.62 -3.02
N GLU B 117 -20.27 -2.96 -1.82
CA GLU B 117 -20.78 -2.38 -0.58
C GLU B 117 -20.56 -0.90 -0.49
N ALA B 118 -19.53 -0.40 -1.17
CA ALA B 118 -19.30 1.03 -1.25
C ALA B 118 -20.05 1.68 -2.41
N GLY B 119 -20.77 0.87 -3.19
CA GLY B 119 -21.50 1.36 -4.39
C GLY B 119 -20.59 1.88 -5.52
N LEU B 120 -19.46 1.20 -5.78
CA LEU B 120 -18.46 1.64 -6.77
C LEU B 120 -17.98 0.52 -7.68
N PRO B 121 -17.62 0.85 -8.93
CA PRO B 121 -16.84 -0.05 -9.76
C PRO B 121 -15.47 -0.24 -9.12
N LEU B 122 -14.90 -1.44 -9.21
CA LEU B 122 -13.60 -1.66 -8.56
C LEU B 122 -12.53 -0.56 -8.89
N HIS B 123 -12.37 -0.25 -10.18
CA HIS B 123 -11.29 0.61 -10.61
C HIS B 123 -11.38 1.98 -10.02
N VAL B 124 -12.63 2.44 -9.82
CA VAL B 124 -12.93 3.75 -9.16
C VAL B 124 -12.51 3.73 -7.68
N LEU B 125 -12.87 2.65 -6.99
CA LEU B 125 -12.41 2.41 -5.64
C LEU B 125 -10.85 2.33 -5.55
N LEU B 126 -10.19 1.83 -6.60
CA LEU B 126 -8.74 1.66 -6.61
C LEU B 126 -8.01 2.97 -6.95
N GLY B 127 -8.80 4.05 -7.09
CA GLY B 127 -8.29 5.39 -7.33
C GLY B 127 -8.15 5.83 -8.80
N SER B 128 -8.72 5.11 -9.75
CA SER B 128 -8.48 5.41 -11.15
C SER B 128 -8.97 6.77 -11.59
N ARG B 129 -8.35 7.29 -12.64
CA ARG B 129 -8.83 8.50 -13.26
C ARG B 129 -9.24 8.29 -14.71
N ARG B 130 -9.22 7.04 -15.16
CA ARG B 130 -9.58 6.70 -16.51
C ARG B 130 -10.16 5.26 -16.52
N ASN B 131 -10.72 4.82 -17.64
CA ASN B 131 -11.41 3.55 -17.61
C ASN B 131 -10.99 2.55 -18.68
N ARG B 132 -9.94 2.85 -19.40
CA ARG B 132 -9.47 1.95 -20.40
C ARG B 132 -7.92 1.81 -20.36
N VAL B 133 -7.43 0.66 -20.83
CA VAL B 133 -6.01 0.35 -20.98
C VAL B 133 -5.85 -0.33 -22.35
N LYS B 134 -4.75 -0.09 -23.04
CA LYS B 134 -4.38 -0.95 -24.21
C LYS B 134 -4.30 -2.46 -23.82
N ALA B 135 -4.90 -3.28 -24.69
CA ALA B 135 -4.84 -4.72 -24.63
C ALA B 135 -4.05 -5.24 -25.84
N TYR B 136 -3.22 -6.26 -25.60
CA TYR B 136 -2.49 -6.88 -26.66
C TYR B 136 -2.95 -8.31 -26.79
N ALA B 137 -2.82 -8.85 -27.99
CA ALA B 137 -3.32 -10.16 -28.34
C ALA B 137 -2.23 -11.17 -28.04
N SER B 138 -2.53 -12.09 -27.15
CA SER B 138 -1.54 -13.07 -26.72
C SER B 138 -1.99 -14.48 -27.06
N GLY B 139 -1.20 -15.22 -27.80
CA GLY B 139 -1.68 -16.45 -28.33
C GLY B 139 -1.47 -17.67 -27.48
N LEU B 140 -0.61 -17.58 -26.46
CA LEU B 140 -0.24 -18.80 -25.73
C LEU B 140 0.03 -19.93 -26.73
N ASP B 141 0.79 -19.62 -27.80
CA ASP B 141 0.76 -20.34 -29.09
C ASP B 141 1.85 -21.35 -29.38
N PHE B 142 2.73 -21.61 -28.44
CA PHE B 142 3.86 -22.46 -28.68
C PHE B 142 3.51 -23.81 -29.37
N HIS B 143 2.41 -24.45 -28.98
CA HIS B 143 2.14 -25.78 -29.51
C HIS B 143 1.10 -25.72 -30.60
N LEU B 144 0.75 -24.52 -31.02
CA LEU B 144 -0.29 -24.37 -32.00
C LEU B 144 0.35 -24.62 -33.37
N ASP B 145 -0.34 -25.33 -34.27
CA ASP B 145 0.22 -25.48 -35.63
C ASP B 145 0.20 -24.15 -36.38
N ASP B 146 1.10 -23.99 -37.34
CA ASP B 146 1.16 -22.82 -38.23
C ASP B 146 -0.21 -22.28 -38.71
N ASP B 147 -1.09 -23.14 -39.23
CA ASP B 147 -2.40 -22.68 -39.67
C ASP B 147 -3.20 -22.06 -38.53
N ALA B 148 -3.17 -22.65 -37.33
CA ALA B 148 -3.98 -22.08 -36.25
C ALA B 148 -3.34 -20.82 -35.68
N PHE B 149 -2.02 -20.72 -35.81
CA PHE B 149 -1.30 -19.56 -35.33
C PHE B 149 -1.74 -18.38 -36.16
N VAL B 150 -1.71 -18.51 -37.50
CA VAL B 150 -2.10 -17.38 -38.35
C VAL B 150 -3.58 -17.08 -38.18
N SER B 151 -4.38 -18.10 -37.97
CA SER B 151 -5.81 -17.88 -37.85
C SER B 151 -6.11 -16.99 -36.63
N LEU B 152 -5.53 -17.31 -35.47
CA LEU B 152 -5.77 -16.57 -34.22
C LEU B 152 -5.25 -15.15 -34.40
N PHE B 153 -4.03 -15.00 -34.92
CA PHE B 153 -3.47 -13.65 -35.10
C PHE B 153 -4.13 -12.78 -36.18
N SER B 154 -4.49 -13.33 -37.36
CA SER B 154 -5.34 -12.57 -38.31
C SER B 154 -6.67 -12.14 -37.66
N HIS B 155 -7.24 -13.00 -36.85
CA HIS B 155 -8.51 -12.63 -36.26
C HIS B 155 -8.31 -11.42 -35.35
N ALA B 156 -7.22 -11.47 -34.57
CA ALA B 156 -6.94 -10.42 -33.63
C ALA B 156 -6.72 -9.11 -34.37
N ALA B 157 -5.90 -9.15 -35.43
CA ALA B 157 -5.66 -7.95 -36.20
C ALA B 157 -6.96 -7.45 -36.81
N SER B 158 -7.83 -8.35 -37.26
CA SER B 158 -9.09 -7.88 -37.88
C SER B 158 -10.05 -7.16 -36.92
N ILE B 159 -10.01 -7.50 -35.63
CA ILE B 159 -10.86 -6.78 -34.66
C ILE B 159 -10.17 -5.63 -33.96
N GLY B 160 -9.03 -5.20 -34.47
CA GLY B 160 -8.45 -3.96 -33.97
C GLY B 160 -7.29 -4.02 -32.99
N TYR B 161 -6.80 -5.22 -32.67
CA TYR B 161 -5.52 -5.38 -31.97
C TYR B 161 -4.36 -4.80 -32.81
N SER B 162 -3.40 -4.17 -32.15
CA SER B 162 -2.24 -3.64 -32.82
C SER B 162 -0.95 -4.05 -32.13
N ALA B 163 -1.05 -4.85 -31.06
CA ALA B 163 0.12 -5.45 -30.41
C ALA B 163 -0.13 -6.94 -30.18
N PHE B 164 0.91 -7.74 -30.37
CA PHE B 164 0.84 -9.20 -30.48
C PHE B 164 1.98 -9.87 -29.71
N LYS B 165 1.65 -10.87 -28.92
CA LYS B 165 2.68 -11.62 -28.19
C LYS B 165 2.71 -13.11 -28.55
N ILE B 166 3.87 -13.61 -28.89
CA ILE B 166 4.05 -14.99 -29.29
C ILE B 166 5.02 -15.75 -28.39
N LYS B 167 4.85 -17.07 -28.30
CA LYS B 167 5.73 -17.82 -27.45
C LYS B 167 6.91 -18.24 -28.28
N VAL B 168 8.09 -18.28 -27.68
CA VAL B 168 9.30 -18.73 -28.40
C VAL B 168 10.11 -19.58 -27.41
N GLY B 169 11.34 -19.90 -27.73
CA GLY B 169 12.11 -20.81 -26.88
C GLY B 169 12.22 -22.24 -27.38
N HIS B 170 11.96 -22.47 -28.68
CA HIS B 170 12.25 -23.75 -29.35
C HIS B 170 13.73 -24.13 -29.35
N ARG B 171 14.02 -25.40 -29.07
CA ARG B 171 15.37 -25.94 -29.24
C ARG B 171 15.97 -25.47 -30.58
N ASP B 172 15.19 -25.53 -31.64
CA ASP B 172 15.67 -25.09 -32.92
C ASP B 172 15.23 -23.65 -33.10
N PHE B 173 16.22 -22.74 -33.02
CA PHE B 173 16.01 -21.29 -33.09
C PHE B 173 15.36 -20.84 -34.39
N ASP B 174 15.55 -21.57 -35.48
CA ASP B 174 14.80 -21.26 -36.71
C ASP B 174 13.28 -21.38 -36.56
N ARG B 175 12.82 -22.29 -35.73
CA ARG B 175 11.40 -22.27 -35.36
C ARG B 175 10.96 -20.88 -34.78
N ASP B 176 11.72 -20.33 -33.84
CA ASP B 176 11.38 -19.01 -33.30
C ASP B 176 11.33 -17.99 -34.44
N LEU B 177 12.36 -17.95 -35.26
CA LEU B 177 12.40 -17.02 -36.40
C LEU B 177 11.27 -17.25 -37.45
N ARG B 178 10.95 -18.49 -37.75
CA ARG B 178 9.87 -18.74 -38.71
C ARG B 178 8.52 -18.18 -38.22
N ARG B 179 8.33 -18.28 -36.90
CA ARG B 179 7.14 -17.83 -36.22
C ARG B 179 7.00 -16.33 -36.22
N LEU B 180 8.10 -15.63 -36.04
CA LEU B 180 8.07 -14.20 -36.16
C LEU B 180 7.84 -13.82 -37.62
N GLU B 181 8.39 -14.62 -38.55
CA GLU B 181 8.17 -14.37 -39.98
C GLU B 181 6.71 -14.57 -40.25
N LEU B 182 6.12 -15.58 -39.61
CA LEU B 182 4.74 -15.96 -39.81
C LEU B 182 3.81 -14.90 -39.25
N LEU B 183 4.10 -14.44 -38.03
CA LEU B 183 3.38 -13.30 -37.44
C LEU B 183 3.35 -12.07 -38.35
N LYS B 184 4.48 -11.77 -38.98
CA LYS B 184 4.58 -10.57 -39.85
C LYS B 184 3.65 -10.65 -41.09
N THR B 185 3.46 -11.83 -41.64
CA THR B 185 2.54 -11.97 -42.77
C THR B 185 1.07 -11.76 -42.41
N CYS B 186 0.71 -11.82 -41.13
CA CYS B 186 -0.74 -11.64 -40.86
C CYS B 186 -1.19 -10.44 -40.07
N VAL B 187 -0.31 -9.47 -39.83
CA VAL B 187 -0.68 -8.31 -39.04
C VAL B 187 -0.18 -7.07 -39.76
N PRO B 188 -0.86 -5.93 -39.57
CA PRO B 188 -0.45 -4.70 -40.26
C PRO B 188 0.99 -4.32 -39.97
N ALA B 189 1.65 -3.72 -40.94
CA ALA B 189 2.99 -3.18 -40.74
C ALA B 189 2.93 -2.10 -39.65
N GLY B 190 3.97 -2.02 -38.83
CA GLY B 190 3.96 -1.10 -37.66
C GLY B 190 3.34 -1.66 -36.36
N SER B 191 2.98 -2.95 -36.36
CA SER B 191 2.38 -3.61 -35.21
C SER B 191 3.41 -3.83 -34.11
N LYS B 192 2.96 -3.79 -32.87
CA LYS B 192 3.85 -4.05 -31.78
C LYS B 192 4.00 -5.54 -31.58
N VAL B 193 5.24 -5.97 -31.37
CA VAL B 193 5.51 -7.36 -31.15
C VAL B 193 6.24 -7.60 -29.85
N MET B 194 5.74 -8.56 -29.09
CA MET B 194 6.46 -9.11 -27.99
C MET B 194 6.67 -10.60 -28.08
N ILE B 195 7.77 -11.07 -27.52
CA ILE B 195 8.09 -12.50 -27.47
C ILE B 195 8.24 -12.90 -26.00
N ASP B 196 7.97 -14.18 -25.76
CA ASP B 196 7.98 -14.78 -24.47
C ASP B 196 8.67 -16.15 -24.53
N PRO B 197 9.98 -16.19 -24.28
CA PRO B 197 10.72 -17.47 -24.25
C PRO B 197 10.39 -18.32 -23.02
N ASN B 198 9.67 -17.73 -22.03
CA ASN B 198 9.38 -18.38 -20.72
C ASN B 198 10.55 -19.18 -20.09
N GLU B 199 11.72 -18.55 -19.99
CA GLU B 199 12.92 -19.07 -19.27
C GLU B 199 13.69 -20.14 -20.04
N ALA B 200 13.38 -20.33 -21.31
CA ALA B 200 14.07 -21.33 -22.10
C ALA B 200 15.51 -20.98 -22.40
N TRP B 201 15.91 -19.73 -22.26
CA TRP B 201 17.27 -19.33 -22.59
C TRP B 201 18.15 -19.12 -21.36
N THR B 202 19.46 -19.28 -21.55
CA THR B 202 20.44 -18.68 -20.64
C THR B 202 20.75 -17.22 -21.05
N SER B 203 21.38 -16.43 -20.19
CA SER B 203 21.51 -14.94 -20.41
C SER B 203 22.18 -14.50 -21.72
N LYS B 204 23.36 -15.06 -22.04
CA LYS B 204 24.06 -14.69 -23.23
C LYS B 204 23.45 -15.29 -24.49
N GLU B 205 22.92 -16.50 -24.41
CA GLU B 205 22.09 -17.04 -25.45
C GLU B 205 20.89 -16.12 -25.76
N ALA B 206 20.21 -15.67 -24.70
CA ALA B 206 19.11 -14.71 -24.81
C ALA B 206 19.56 -13.47 -25.53
N LEU B 207 20.72 -12.94 -25.16
CA LEU B 207 21.17 -11.71 -25.77
C LEU B 207 21.51 -11.93 -27.25
N THR B 208 22.19 -13.04 -27.61
CA THR B 208 22.57 -13.27 -28.98
C THR B 208 21.38 -13.51 -29.89
N LYS B 209 20.37 -14.22 -29.35
CA LYS B 209 19.10 -14.39 -30.06
C LYS B 209 18.37 -13.08 -30.23
N LEU B 210 18.42 -12.21 -29.22
CA LEU B 210 17.81 -10.89 -29.43
C LEU B 210 18.53 -10.08 -30.51
N VAL B 211 19.85 -10.19 -30.59
CA VAL B 211 20.60 -9.56 -31.65
C VAL B 211 20.16 -10.12 -32.99
N ALA B 212 20.11 -11.45 -33.13
CA ALA B 212 19.69 -12.04 -34.39
C ALA B 212 18.28 -11.68 -34.76
N ILE B 213 17.39 -11.56 -33.79
CA ILE B 213 15.99 -11.20 -34.11
C ILE B 213 15.90 -9.77 -34.66
N ARG B 214 16.68 -8.87 -34.06
CA ARG B 214 16.79 -7.51 -34.52
C ARG B 214 17.34 -7.44 -35.97
N GLU B 215 18.42 -8.17 -36.23
CA GLU B 215 19.09 -8.10 -37.50
C GLU B 215 18.23 -8.66 -38.64
N ALA B 216 17.32 -9.56 -38.30
CA ALA B 216 16.35 -10.14 -39.20
C ALA B 216 15.17 -9.18 -39.39
N GLY B 217 15.27 -7.98 -38.84
CA GLY B 217 14.27 -6.94 -39.05
C GLY B 217 12.95 -7.09 -38.31
N HIS B 218 12.98 -7.59 -37.08
CA HIS B 218 11.82 -7.67 -36.19
C HIS B 218 12.06 -6.78 -34.97
N ASP B 219 11.29 -5.71 -34.85
CA ASP B 219 11.43 -4.80 -33.75
C ASP B 219 10.51 -5.19 -32.60
N LEU B 220 11.13 -5.52 -31.46
CA LEU B 220 10.38 -6.04 -30.32
C LEU B 220 9.99 -4.95 -29.38
N LEU B 221 8.77 -5.02 -28.88
CA LEU B 221 8.38 -4.07 -27.85
C LEU B 221 8.91 -4.58 -26.54
N TRP B 222 8.74 -5.86 -26.26
CA TRP B 222 9.46 -6.43 -25.10
C TRP B 222 9.78 -7.93 -25.24
N VAL B 223 10.78 -8.39 -24.48
CA VAL B 223 10.98 -9.78 -24.30
C VAL B 223 10.70 -10.11 -22.82
N GLU B 224 9.83 -11.09 -22.63
CA GLU B 224 9.25 -11.35 -21.36
C GLU B 224 9.84 -12.63 -20.81
N ASP B 225 10.17 -12.64 -19.53
CA ASP B 225 10.84 -13.80 -18.94
C ASP B 225 11.84 -14.61 -19.84
N PRO B 226 12.91 -13.94 -20.39
CA PRO B 226 13.72 -14.68 -21.35
C PRO B 226 14.48 -15.80 -20.69
N ILE B 227 14.77 -15.68 -19.40
CA ILE B 227 15.75 -16.58 -18.73
C ILE B 227 15.29 -16.95 -17.35
N LEU B 228 16.06 -17.85 -16.75
CA LEU B 228 15.79 -18.30 -15.40
C LEU B 228 15.46 -17.12 -14.48
N ARG B 229 14.29 -17.17 -13.84
CA ARG B 229 13.80 -16.04 -13.02
C ARG B 229 14.70 -15.57 -11.87
N HIS B 230 15.65 -16.42 -11.49
N HIS B 230 15.61 -16.42 -11.41
CA HIS B 230 16.49 -16.13 -10.35
CA HIS B 230 16.49 -15.99 -10.32
C HIS B 230 17.89 -15.70 -10.74
C HIS B 230 17.90 -15.63 -10.75
N ASP B 231 18.15 -15.68 -12.06
CA ASP B 231 19.39 -15.21 -12.62
C ASP B 231 19.39 -13.67 -12.69
N HIS B 232 19.45 -13.02 -11.53
CA HIS B 232 19.55 -11.57 -11.45
C HIS B 232 20.74 -10.96 -12.20
N ASP B 233 21.93 -11.51 -12.04
CA ASP B 233 23.07 -11.01 -12.83
C ASP B 233 22.84 -11.06 -14.34
N GLY B 234 22.21 -12.15 -14.84
CA GLY B 234 21.90 -12.32 -16.24
C GLY B 234 20.85 -11.31 -16.68
N LEU B 235 19.84 -11.08 -15.84
CA LEU B 235 18.81 -10.11 -16.16
C LEU B 235 19.38 -8.69 -16.24
N ARG B 236 20.29 -8.36 -15.32
CA ARG B 236 20.99 -7.05 -15.34
C ARG B 236 21.82 -6.85 -16.58
N THR B 237 22.54 -7.88 -16.96
CA THR B 237 23.36 -7.88 -18.15
C THR B 237 22.52 -7.65 -19.39
N LEU B 238 21.40 -8.37 -19.49
CA LEU B 238 20.36 -8.08 -20.49
C LEU B 238 19.81 -6.64 -20.39
N ARG B 239 19.45 -6.14 -19.21
CA ARG B 239 18.96 -4.76 -19.12
C ARG B 239 19.93 -3.73 -19.76
N HIS B 240 21.21 -3.87 -19.43
CA HIS B 240 22.25 -2.86 -19.70
C HIS B 240 22.69 -2.91 -21.15
N ALA B 241 22.57 -4.06 -21.80
CA ALA B 241 23.16 -4.25 -23.12
C ALA B 241 22.13 -4.25 -24.23
N VAL B 242 20.87 -4.56 -23.91
CA VAL B 242 19.84 -4.61 -24.91
C VAL B 242 19.25 -3.24 -24.84
N THR B 243 19.69 -2.38 -25.76
CA THR B 243 19.38 -0.98 -25.74
C THR B 243 18.19 -0.72 -26.69
N TRP B 244 17.77 -1.77 -27.41
CA TRP B 244 16.74 -1.63 -28.43
C TRP B 244 15.34 -2.17 -28.01
N THR B 245 15.22 -2.76 -26.83
CA THR B 245 13.94 -3.28 -26.35
C THR B 245 13.98 -3.47 -24.85
N GLN B 246 12.86 -3.86 -24.27
CA GLN B 246 12.67 -3.92 -22.83
C GLN B 246 12.64 -5.38 -22.35
N ILE B 247 13.21 -5.59 -21.17
CA ILE B 247 13.30 -6.86 -20.55
C ILE B 247 12.15 -6.85 -19.56
N ASN B 248 11.13 -7.65 -19.82
CA ASN B 248 9.95 -7.70 -18.99
C ASN B 248 10.11 -8.88 -18.06
N SER B 249 10.06 -8.64 -16.78
CA SER B 249 10.38 -9.70 -15.85
C SER B 249 9.42 -9.84 -14.66
N GLY B 250 9.44 -11.01 -14.05
CA GLY B 250 8.69 -11.20 -12.80
C GLY B 250 7.77 -12.40 -12.67
N GLU B 251 7.55 -13.14 -13.76
CA GLU B 251 6.74 -14.37 -13.74
C GLU B 251 7.23 -15.40 -12.71
N TYR B 252 6.29 -16.10 -12.10
CA TYR B 252 6.56 -17.18 -11.13
C TYR B 252 6.98 -16.63 -9.81
N LEU B 253 6.97 -15.30 -9.69
CA LEU B 253 7.40 -14.68 -8.45
C LEU B 253 6.21 -14.26 -7.62
N ASP B 254 6.32 -14.44 -6.30
CA ASP B 254 5.32 -13.88 -5.38
C ASP B 254 5.70 -12.43 -4.99
N LEU B 255 4.91 -11.80 -4.15
CA LEU B 255 5.07 -10.39 -3.82
C LEU B 255 6.44 -10.06 -3.21
N GLN B 256 6.89 -10.90 -2.28
CA GLN B 256 8.23 -10.74 -1.76
C GLN B 256 9.26 -10.93 -2.87
N GLY B 257 9.03 -11.90 -3.76
CA GLY B 257 9.94 -12.17 -4.85
C GLY B 257 10.01 -11.04 -5.87
N LYS B 258 8.88 -10.41 -6.17
CA LYS B 258 8.83 -9.23 -7.05
C LYS B 258 9.52 -8.01 -6.42
N ARG B 259 9.33 -7.82 -5.11
CA ARG B 259 10.04 -6.76 -4.43
C ARG B 259 11.59 -6.97 -4.52
N LEU B 260 12.06 -8.20 -4.34
CA LEU B 260 13.47 -8.52 -4.50
C LEU B 260 13.94 -8.33 -5.94
N LEU B 261 13.10 -8.68 -6.89
CA LEU B 261 13.42 -8.46 -8.29
C LEU B 261 13.71 -6.96 -8.52
N LEU B 262 12.80 -6.09 -8.08
CA LEU B 262 13.03 -4.65 -8.11
C LEU B 262 14.29 -4.20 -7.35
N GLU B 263 14.49 -4.70 -6.12
CA GLU B 263 15.74 -4.43 -5.40
C GLU B 263 17.04 -4.85 -6.13
N ALA B 264 17.00 -5.93 -6.90
CA ALA B 264 18.10 -6.36 -7.78
C ALA B 264 18.27 -5.57 -9.10
N HIS B 265 17.38 -4.63 -9.39
CA HIS B 265 17.48 -3.77 -10.56
C HIS B 265 17.46 -4.64 -11.83
N ALA B 266 16.58 -5.65 -11.80
CA ALA B 266 16.62 -6.77 -12.69
C ALA B 266 15.42 -6.86 -13.66
N ALA B 267 14.74 -5.74 -13.90
CA ALA B 267 13.58 -5.71 -14.74
C ALA B 267 13.50 -4.33 -15.31
N ASP B 268 13.28 -4.20 -16.62
CA ASP B 268 12.87 -2.98 -17.26
C ASP B 268 11.36 -2.77 -17.07
N ILE B 269 10.59 -3.86 -17.08
CA ILE B 269 9.13 -3.85 -16.80
C ILE B 269 8.88 -5.01 -15.86
N LEU B 270 7.93 -4.84 -14.93
CA LEU B 270 7.53 -5.91 -13.99
C LEU B 270 6.17 -6.44 -14.40
N ASN B 271 6.06 -7.73 -14.79
CA ASN B 271 4.72 -8.33 -15.13
CA ASN B 271 4.76 -8.36 -15.11
C ASN B 271 4.08 -8.82 -13.84
N VAL B 272 2.79 -8.60 -13.72
CA VAL B 272 2.04 -9.07 -12.58
C VAL B 272 0.71 -9.67 -13.09
N HIS B 273 0.03 -10.33 -12.20
CA HIS B 273 -1.26 -10.91 -12.51
C HIS B 273 -2.33 -10.22 -11.67
N GLY B 274 -3.17 -11.00 -11.02
CA GLY B 274 -4.48 -10.50 -10.52
C GLY B 274 -4.68 -10.42 -9.01
N GLN B 275 -3.63 -10.65 -8.22
CA GLN B 275 -3.74 -10.48 -6.78
C GLN B 275 -3.96 -9.01 -6.39
N VAL B 276 -5.22 -8.57 -6.31
CA VAL B 276 -5.53 -7.13 -6.21
C VAL B 276 -4.71 -6.42 -5.16
N THR B 277 -4.68 -6.94 -3.93
CA THR B 277 -4.01 -6.19 -2.84
C THR B 277 -2.50 -6.10 -3.05
N ASP B 278 -1.90 -7.23 -3.43
CA ASP B 278 -0.47 -7.32 -3.75
C ASP B 278 -0.07 -6.38 -4.92
N VAL B 279 -0.89 -6.37 -5.99
CA VAL B 279 -0.62 -5.60 -7.21
C VAL B 279 -0.70 -4.12 -6.90
N MET B 280 -1.66 -3.74 -6.06
CA MET B 280 -1.68 -2.32 -5.67
C MET B 280 -0.52 -1.96 -4.74
N ARG B 281 -0.04 -2.88 -3.92
CA ARG B 281 1.15 -2.57 -3.14
C ARG B 281 2.46 -2.51 -3.96
N ILE B 282 2.72 -3.49 -4.81
CA ILE B 282 3.85 -3.41 -5.66
C ILE B 282 3.70 -2.29 -6.69
N GLY B 283 2.45 -1.95 -7.04
CA GLY B 283 2.23 -0.81 -7.93
C GLY B 283 2.54 0.55 -7.31
N TRP B 284 2.30 0.72 -6.01
CA TRP B 284 2.73 1.93 -5.34
C TRP B 284 4.28 2.01 -5.38
N LEU B 285 4.93 0.89 -5.04
CA LEU B 285 6.39 0.76 -5.01
C LEU B 285 7.03 1.02 -6.35
N ALA B 286 6.58 0.29 -7.38
CA ALA B 286 7.08 0.49 -8.75
C ALA B 286 7.03 1.95 -9.20
N ALA B 287 5.96 2.62 -8.75
CA ALA B 287 5.75 4.02 -9.07
C ALA B 287 6.80 4.90 -8.39
N GLU B 288 7.14 4.63 -7.13
CA GLU B 288 8.14 5.39 -6.44
C GLU B 288 9.53 5.28 -7.09
N LEU B 289 9.75 4.12 -7.69
CA LEU B 289 10.98 3.67 -8.29
C LEU B 289 11.07 4.01 -9.79
N GLY B 290 9.96 4.36 -10.44
CA GLY B 290 9.99 4.56 -11.91
C GLY B 290 10.08 3.31 -12.79
N ILE B 291 9.56 2.18 -12.29
CA ILE B 291 9.48 0.93 -13.05
C ILE B 291 8.07 0.75 -13.62
N PRO B 292 7.94 0.63 -14.97
CA PRO B 292 6.63 0.37 -15.53
C PRO B 292 6.19 -1.06 -15.21
N ILE B 293 4.89 -1.32 -15.36
CA ILE B 293 4.30 -2.62 -15.01
C ILE B 293 3.35 -3.00 -16.13
N SER B 294 3.33 -4.28 -16.47
CA SER B 294 2.31 -4.80 -17.37
C SER B 294 1.48 -5.83 -16.60
N ILE B 295 0.19 -5.93 -16.91
CA ILE B 295 -0.67 -6.98 -16.33
C ILE B 295 -0.87 -8.15 -17.31
N GLY B 296 -0.45 -9.34 -16.88
CA GLY B 296 -0.64 -10.55 -17.64
C GLY B 296 -2.07 -11.08 -17.54
N ASN B 297 -2.25 -12.34 -17.93
CA ASN B 297 -3.52 -13.01 -17.84
C ASN B 297 -4.08 -13.02 -16.42
N THR B 298 -5.29 -12.49 -16.28
CA THR B 298 -6.06 -12.74 -15.07
C THR B 298 -7.36 -13.40 -15.50
N PHE B 299 -7.94 -14.20 -14.63
CA PHE B 299 -9.08 -14.99 -15.00
C PHE B 299 -10.28 -14.05 -15.36
N LEU B 300 -10.77 -14.16 -16.62
CA LEU B 300 -11.84 -13.26 -17.13
C LEU B 300 -11.51 -11.77 -17.08
N GLU B 301 -10.22 -11.40 -17.14
CA GLU B 301 -9.84 -9.98 -17.28
C GLU B 301 -10.27 -9.10 -16.07
N ALA B 302 -10.47 -9.75 -14.93
CA ALA B 302 -10.63 -9.03 -13.68
C ALA B 302 -9.53 -7.93 -13.45
N GLY B 303 -8.27 -8.19 -13.81
CA GLY B 303 -7.19 -7.25 -13.58
C GLY B 303 -7.28 -5.93 -14.36
N VAL B 304 -8.20 -5.83 -15.33
CA VAL B 304 -8.47 -4.55 -15.99
C VAL B 304 -8.66 -3.39 -14.99
N HIS B 305 -9.21 -3.68 -13.82
CA HIS B 305 -9.42 -2.64 -12.80
C HIS B 305 -8.16 -2.03 -12.19
N MET B 306 -7.17 -2.88 -11.91
CA MET B 306 -5.87 -2.42 -11.47
C MET B 306 -5.12 -1.81 -12.66
N ALA B 307 -5.31 -2.38 -13.85
CA ALA B 307 -4.57 -1.92 -15.02
C ALA B 307 -4.92 -0.49 -15.30
N VAL B 308 -6.19 -0.13 -15.19
CA VAL B 308 -6.56 1.27 -15.43
C VAL B 308 -6.24 2.19 -14.24
N ALA B 309 -6.14 1.64 -13.00
CA ALA B 309 -5.92 2.50 -11.83
C ALA B 309 -4.45 2.84 -11.62
N LEU B 310 -3.55 1.94 -12.04
CA LEU B 310 -2.12 2.22 -11.92
C LEU B 310 -1.62 3.14 -13.03
N PRO B 311 -0.97 4.24 -12.61
CA PRO B 311 -0.43 5.16 -13.60
C PRO B 311 0.64 4.50 -14.50
N GLU B 312 1.47 3.62 -13.94
CA GLU B 312 2.60 3.05 -14.70
C GLU B 312 2.27 1.78 -15.47
N VAL B 313 0.99 1.47 -15.59
CA VAL B 313 0.57 0.37 -16.42
C VAL B 313 0.06 0.88 -17.78
N GLU B 314 0.59 0.31 -18.84
CA GLU B 314 0.10 0.68 -20.12
C GLU B 314 -0.56 -0.44 -20.92
N TRP B 315 -0.31 -1.70 -20.52
CA TRP B 315 -0.76 -2.85 -21.30
C TRP B 315 -1.38 -3.96 -20.45
N LEU B 316 -2.42 -4.61 -20.99
CA LEU B 316 -3.03 -5.79 -20.41
C LEU B 316 -3.03 -6.93 -21.42
N GLU B 317 -2.73 -8.14 -20.95
CA GLU B 317 -2.72 -9.33 -21.85
C GLU B 317 -4.16 -9.80 -22.09
N TYR B 318 -4.53 -10.04 -23.34
CA TYR B 318 -5.71 -10.83 -23.64
C TYR B 318 -5.39 -12.07 -24.51
N SER B 319 -5.87 -13.24 -24.08
CA SER B 319 -5.47 -14.52 -24.67
C SER B 319 -6.58 -15.41 -25.28
N PHE B 320 -7.75 -14.86 -25.56
CA PHE B 320 -8.74 -15.55 -26.39
C PHE B 320 -9.19 -16.88 -25.83
N GLN B 321 -9.22 -16.98 -24.52
CA GLN B 321 -9.61 -18.19 -23.83
C GLN B 321 -11.17 -18.41 -23.85
N ASN B 322 -11.57 -19.69 -23.86
CA ASN B 322 -13.03 -20.03 -23.82
C ASN B 322 -13.62 -20.05 -22.39
N PHE B 323 -13.71 -18.86 -21.81
CA PHE B 323 -14.16 -18.66 -20.42
C PHE B 323 -15.42 -17.81 -20.36
N ASP B 324 -15.74 -17.06 -21.41
CA ASP B 324 -16.80 -16.06 -21.28
C ASP B 324 -18.15 -16.65 -20.90
N HIS B 325 -18.34 -17.92 -21.16
CA HIS B 325 -19.65 -18.46 -20.95
C HIS B 325 -19.99 -18.51 -19.42
N LEU B 326 -18.97 -18.41 -18.56
CA LEU B 326 -19.13 -18.61 -17.13
C LEU B 326 -19.74 -17.41 -16.39
N VAL B 327 -19.86 -16.27 -17.06
CA VAL B 327 -20.34 -15.05 -16.39
C VAL B 327 -21.38 -14.36 -17.26
N GLU B 328 -22.19 -13.50 -16.68
CA GLU B 328 -23.26 -12.90 -17.44
C GLU B 328 -22.70 -11.99 -18.54
N GLN B 329 -21.74 -11.12 -18.18
CA GLN B 329 -21.11 -10.26 -19.15
C GLN B 329 -19.60 -10.03 -18.91
N PRO B 330 -18.77 -10.46 -19.88
CA PRO B 330 -17.31 -10.31 -19.86
C PRO B 330 -16.89 -8.88 -20.02
N ILE B 331 -15.65 -8.61 -19.64
CA ILE B 331 -15.01 -7.30 -19.81
C ILE B 331 -14.99 -7.01 -21.28
N GLU B 332 -15.32 -5.78 -21.66
CA GLU B 332 -15.37 -5.38 -23.02
C GLU B 332 -13.97 -5.04 -23.54
N ILE B 333 -13.60 -5.64 -24.67
CA ILE B 333 -12.43 -5.18 -25.40
C ILE B 333 -12.83 -4.75 -26.82
N ARG B 334 -12.59 -3.47 -27.13
CA ARG B 334 -13.05 -2.88 -28.38
C ARG B 334 -11.84 -2.15 -28.95
N ASP B 335 -11.45 -2.52 -30.19
CA ASP B 335 -10.29 -1.92 -30.89
C ASP B 335 -8.94 -1.96 -30.13
N GLY B 336 -8.68 -3.05 -29.42
CA GLY B 336 -7.45 -3.12 -28.67
C GLY B 336 -7.40 -2.31 -27.37
N TYR B 337 -8.58 -1.95 -26.84
CA TYR B 337 -8.69 -1.31 -25.55
C TYR B 337 -9.59 -2.12 -24.69
N ALA B 338 -9.13 -2.41 -23.47
CA ALA B 338 -9.96 -3.11 -22.52
C ALA B 338 -10.55 -2.03 -21.62
N TYR B 339 -11.84 -2.20 -21.34
CA TYR B 339 -12.65 -1.24 -20.59
C TYR B 339 -13.00 -1.81 -19.20
N ALA B 340 -12.72 -1.05 -18.18
CA ALA B 340 -13.23 -1.30 -16.84
C ALA B 340 -14.70 -0.80 -16.79
N PRO B 341 -15.65 -1.69 -16.52
CA PRO B 341 -17.06 -1.31 -16.59
C PRO B 341 -17.52 -0.38 -15.42
N ASP B 342 -18.59 0.37 -15.65
CA ASP B 342 -19.16 1.27 -14.66
C ASP B 342 -20.21 0.51 -13.87
N ARG B 343 -19.98 -0.77 -13.59
CA ARG B 343 -20.87 -1.59 -12.78
C ARG B 343 -20.22 -1.73 -11.40
N PRO B 344 -21.01 -2.03 -10.35
CA PRO B 344 -20.42 -2.20 -9.01
C PRO B 344 -19.46 -3.38 -8.98
N GLY B 345 -18.40 -3.30 -8.16
CA GLY B 345 -17.41 -4.37 -8.14
C GLY B 345 -16.59 -4.40 -9.42
N HIS B 346 -16.09 -5.60 -9.74
CA HIS B 346 -15.32 -5.78 -10.99
C HIS B 346 -16.18 -5.99 -12.21
N GLY B 347 -17.48 -6.16 -12.02
CA GLY B 347 -18.44 -6.18 -13.09
C GLY B 347 -18.72 -7.59 -13.54
N LEU B 348 -18.04 -8.56 -12.99
CA LEU B 348 -18.30 -9.95 -13.34
C LEU B 348 -19.25 -10.61 -12.34
N VAL B 349 -20.23 -11.28 -12.91
CA VAL B 349 -21.21 -12.02 -12.15
C VAL B 349 -21.35 -13.38 -12.79
N LEU B 350 -21.31 -14.41 -11.97
CA LEU B 350 -21.42 -15.80 -12.42
C LEU B 350 -22.76 -16.05 -13.10
N SER B 351 -22.71 -16.76 -14.23
CA SER B 351 -23.93 -17.06 -14.96
C SER B 351 -24.62 -18.24 -14.28
N GLU B 352 -25.87 -18.07 -13.86
CA GLU B 352 -26.60 -19.17 -13.23
C GLU B 352 -26.85 -20.35 -14.19
N LYS B 353 -27.11 -20.06 -15.48
CA LYS B 353 -27.11 -21.09 -16.54
C LYS B 353 -25.84 -21.94 -16.52
N ALA B 354 -24.69 -21.28 -16.62
CA ALA B 354 -23.44 -22.02 -16.69
C ALA B 354 -23.19 -22.70 -15.37
N ARG B 355 -23.58 -22.07 -14.26
CA ARG B 355 -23.41 -22.75 -12.99
C ARG B 355 -24.11 -24.12 -13.00
N GLY B 356 -25.24 -24.25 -13.70
CA GLY B 356 -25.91 -25.54 -13.84
C GLY B 356 -25.34 -26.51 -14.87
N GLU B 357 -25.14 -26.04 -16.11
CA GLU B 357 -24.58 -26.86 -17.20
C GLU B 357 -23.15 -27.36 -16.93
N TRP B 358 -22.28 -26.45 -16.47
CA TRP B 358 -20.85 -26.70 -16.47
C TRP B 358 -20.22 -27.09 -15.12
N SER B 359 -20.97 -26.99 -14.04
CA SER B 359 -20.49 -27.51 -12.75
C SER B 359 -19.98 -28.94 -12.82
N ARG B 360 -18.83 -29.19 -12.22
CA ARG B 360 -18.24 -30.52 -12.22
C ARG B 360 -17.70 -30.77 -10.83
N PRO B 361 -18.57 -31.20 -9.88
CA PRO B 361 -18.18 -31.33 -8.48
C PRO B 361 -17.17 -32.44 -8.26
N ARG B 362 -17.08 -33.37 -9.21
CA ARG B 362 -16.14 -34.47 -9.10
C ARG B 362 -14.99 -34.32 -10.10
N ARG B 363 -13.76 -34.48 -9.60
CA ARG B 363 -12.58 -34.41 -10.46
C ARG B 363 -12.69 -35.52 -11.51
N LEU B 364 -12.60 -35.15 -12.79
CA LEU B 364 -12.61 -36.09 -13.90
C LEU B 364 -11.23 -36.32 -14.58
N ALA B 365 -11.08 -37.49 -15.19
CA ALA B 365 -9.98 -37.73 -16.12
C ALA B 365 -10.16 -36.88 -17.40
N ARG B 366 -9.07 -36.57 -18.08
CA ARG B 366 -9.13 -35.72 -19.28
C ARG B 366 -10.15 -36.24 -20.32
N SER B 367 -10.28 -37.55 -20.42
CA SER B 367 -11.11 -38.17 -21.46
C SER B 367 -12.60 -38.09 -21.21
N GLU B 368 -12.99 -37.61 -20.02
CA GLU B 368 -14.38 -37.61 -19.64
C GLU B 368 -15.00 -36.22 -19.73
N LEU B 369 -14.26 -35.29 -20.31
CA LEU B 369 -14.64 -33.87 -20.23
C LEU B 369 -15.62 -33.46 -21.29
N GLY B 370 -15.79 -34.30 -22.31
CA GLY B 370 -16.68 -33.98 -23.39
C GLY B 370 -16.27 -32.76 -24.16
N ALA B 371 -17.21 -32.21 -24.92
CA ALA B 371 -16.99 -31.08 -25.83
C ALA B 371 -16.56 -29.79 -25.13
N ALA B 372 -15.69 -29.01 -25.79
CA ALA B 372 -15.29 -27.68 -25.30
C ALA B 372 -16.42 -26.62 -25.38
N PRO B 373 -16.63 -25.85 -24.28
CA PRO B 373 -17.47 -24.67 -24.39
C PRO B 373 -17.06 -23.86 -25.64
N GLU B 374 -18.06 -23.40 -26.38
CA GLU B 374 -17.84 -22.67 -27.60
C GLU B 374 -17.19 -21.34 -27.21
N ASN B 375 -16.27 -20.91 -28.06
CA ASN B 375 -15.50 -19.72 -27.82
C ASN B 375 -15.86 -18.67 -28.86
N PRO B 376 -16.87 -17.84 -28.57
CA PRO B 376 -17.19 -16.75 -29.48
C PRO B 376 -16.11 -15.74 -29.67
N ARG B 377 -15.02 -15.85 -28.88
CA ARG B 377 -13.91 -14.86 -28.93
C ARG B 377 -12.89 -15.21 -30.01
N LEU B 378 -12.97 -16.43 -30.51
CA LEU B 378 -12.21 -16.88 -31.72
C LEU B 378 -13.14 -17.27 -32.90
N PRO B 379 -12.65 -17.27 -34.16
CA PRO B 379 -13.62 -17.66 -35.19
C PRO B 379 -14.30 -19.01 -34.93
#